data_6KP1
#
_entry.id   6KP1
#
_cell.length_a   51.806
_cell.length_b   57.496
_cell.length_c   69.444
_cell.angle_alpha   89.921
_cell.angle_beta   82.483
_cell.angle_gamma   67.829
#
_symmetry.space_group_name_H-M   'P 1'
#
loop_
_entity.id
_entity.type
_entity.pdbx_description
1 polymer 'Zinc metalloprotease, putative'
2 non-polymer 'ZINC ION'
3 non-polymer 'SODIUM ION'
4 non-polymer METHIONINE
5 water water
#
_entity_poly.entity_id   1
_entity_poly.type   'polypeptide(L)'
_entity_poly.pdbx_seq_one_letter_code
;MASWSHPQFEKGSSHHHHHHSSGSGGGGGENLYFQGSQSVGDSIFPSLGQRGLDVQHYDLHLTVPRPGEPHLSGDVTLTV
GAREPLSRIVLDLLGPRVSAAQWNGQRVRWVQTAQKVEVTLPRPLRPGETGRLRLIYAGTPELSGDPGLPIRPGWQNEAG
LSYSLSEPHGTRGFLPCNDHPSDPATFTVRVTVPASASAAASGLFTTQTERNGLKTLTFTQRVPVPTYALGLIVGPLERR
TAPDVQLGTQTVHRRDIYAAGLPAGTTVPEGETARMLRVLSDWFGPYPDEVYGVALLPVRQLALETAGLTTMPATSNRER
VRLHALAHQWFGDQVTLADWADTWLSEGFATYAELLWAESQGEDGQAMAADWYARLSVLPSRPLRATREEEIFDASAYFR
GALALHALRLKVGDAAFGQFLHSYVKTFTGRPVSTTALLTLVKTQLGAEAEQTLRVWVEGRTLPPLPEPVGAPV
;
_entity_poly.pdbx_strand_id   A,B
#
# COMPACT_ATOMS: atom_id res chain seq x y z
N GLN A 38 -15.22 1.15 -0.80
CA GLN A 38 -14.52 2.19 -1.55
C GLN A 38 -13.75 1.60 -2.73
N SER A 39 -12.89 0.62 -2.44
CA SER A 39 -12.18 -0.09 -3.47
C SER A 39 -13.12 -1.07 -4.19
N VAL A 40 -12.59 -1.71 -5.24
CA VAL A 40 -13.37 -2.72 -5.95
C VAL A 40 -13.81 -3.83 -5.02
N GLY A 41 -13.02 -4.14 -3.99
CA GLY A 41 -13.35 -5.22 -3.10
C GLY A 41 -12.95 -6.58 -3.60
N ASP A 42 -11.88 -6.66 -4.39
CA ASP A 42 -11.39 -7.93 -4.89
C ASP A 42 -11.09 -8.88 -3.73
N SER A 43 -11.48 -10.15 -3.89
CA SER A 43 -11.29 -11.13 -2.84
C SER A 43 -9.82 -11.47 -2.61
N ILE A 44 -8.97 -11.23 -3.61
CA ILE A 44 -7.54 -11.53 -3.50
C ILE A 44 -6.74 -10.28 -3.16
N PHE A 45 -7.04 -9.16 -3.83
CA PHE A 45 -6.35 -7.89 -3.63
C PHE A 45 -7.36 -6.86 -3.16
N PRO A 46 -7.65 -6.81 -1.86
CA PRO A 46 -8.82 -6.07 -1.37
C PRO A 46 -8.71 -4.56 -1.44
N SER A 47 -7.57 -4.00 -1.86
CA SER A 47 -7.40 -2.54 -1.88
C SER A 47 -7.37 -1.95 -3.29
N LEU A 48 -7.30 -2.78 -4.32
CA LEU A 48 -7.14 -2.25 -5.68
C LEU A 48 -8.45 -1.65 -6.20
N GLY A 49 -8.31 -0.70 -7.11
CA GLY A 49 -9.44 -0.15 -7.82
C GLY A 49 -10.34 0.71 -6.94
N GLN A 50 -11.35 1.28 -7.60
CA GLN A 50 -12.36 2.09 -6.92
C GLN A 50 -13.73 1.59 -7.32
N ARG A 51 -14.58 1.33 -6.32
CA ARG A 51 -15.93 0.85 -6.58
C ARG A 51 -16.71 1.88 -7.39
N GLY A 52 -17.41 1.41 -8.41
CA GLY A 52 -18.24 2.26 -9.24
C GLY A 52 -17.50 3.05 -10.30
N LEU A 53 -16.18 3.16 -10.21
CA LEU A 53 -15.41 3.87 -11.22
C LEU A 53 -15.43 3.09 -12.53
N ASP A 54 -15.61 3.81 -13.64
CA ASP A 54 -15.59 3.22 -14.97
C ASP A 54 -14.68 4.08 -15.87
N VAL A 55 -13.39 3.74 -15.90
CA VAL A 55 -12.51 4.36 -16.87
C VAL A 55 -12.87 3.83 -18.25
N GLN A 56 -13.01 4.74 -19.21
CA GLN A 56 -13.39 4.37 -20.56
C GLN A 56 -12.25 4.53 -21.57
N HIS A 57 -11.32 5.45 -21.32
CA HIS A 57 -10.21 5.67 -22.21
C HIS A 57 -9.03 6.20 -21.42
N TYR A 58 -7.84 5.62 -21.65
CA TYR A 58 -6.59 6.18 -21.18
C TYR A 58 -5.90 6.87 -22.35
N ASP A 59 -5.61 8.15 -22.20
CA ASP A 59 -4.82 8.90 -23.17
C ASP A 59 -3.49 9.21 -22.50
N LEU A 60 -2.52 8.31 -22.70
CA LEU A 60 -1.25 8.36 -21.99
C LEU A 60 -0.15 8.85 -22.91
N HIS A 61 0.67 9.76 -22.40
CA HIS A 61 1.91 10.16 -23.06
C HIS A 61 3.04 9.80 -22.11
N LEU A 62 3.76 8.72 -22.42
CA LEU A 62 4.86 8.26 -21.60
C LEU A 62 6.18 8.63 -22.25
N THR A 63 7.12 9.11 -21.43
CA THR A 63 8.45 9.46 -21.89
C THR A 63 9.46 8.61 -21.16
N VAL A 64 10.19 7.79 -21.91
CA VAL A 64 11.20 6.89 -21.33
C VAL A 64 12.57 7.41 -21.72
N PRO A 65 13.27 8.11 -20.81
CA PRO A 65 14.52 8.76 -21.22
C PRO A 65 15.64 7.79 -21.53
N ARG A 66 15.75 6.70 -20.77
CA ARG A 66 16.80 5.70 -20.97
C ARG A 66 16.17 4.32 -20.87
N PRO A 67 15.80 3.71 -22.00
CA PRO A 67 15.24 2.35 -21.94
C PRO A 67 16.21 1.40 -21.25
N GLY A 68 15.66 0.58 -20.35
CA GLY A 68 16.46 -0.27 -19.50
C GLY A 68 16.62 0.24 -18.09
N GLU A 69 16.23 1.49 -17.82
CA GLU A 69 16.25 2.06 -16.49
C GLU A 69 14.85 2.51 -16.10
N PRO A 70 14.46 2.35 -14.82
CA PRO A 70 13.03 2.44 -14.49
C PRO A 70 12.46 3.86 -14.52
N HIS A 71 13.29 4.90 -14.47
CA HIS A 71 12.74 6.26 -14.40
C HIS A 71 11.92 6.58 -15.65
N LEU A 72 10.88 7.38 -15.46
CA LEU A 72 10.02 7.82 -16.55
C LEU A 72 9.19 9.01 -16.08
N SER A 73 8.53 9.64 -17.04
CA SER A 73 7.57 10.72 -16.78
C SER A 73 6.31 10.43 -17.56
N GLY A 74 5.18 10.93 -17.06
CA GLY A 74 3.89 10.59 -17.63
C GLY A 74 2.97 11.78 -17.71
N ASP A 75 2.11 11.75 -18.73
CA ASP A 75 1.06 12.75 -18.95
C ASP A 75 -0.15 11.98 -19.47
N VAL A 76 -1.12 11.74 -18.59
CA VAL A 76 -2.28 10.92 -18.92
C VAL A 76 -3.55 11.72 -18.68
N THR A 77 -4.53 11.53 -19.56
CA THR A 77 -5.88 12.06 -19.38
C THR A 77 -6.85 10.89 -19.41
N LEU A 78 -7.56 10.67 -18.31
CA LEU A 78 -8.54 9.60 -18.20
C LEU A 78 -9.92 10.13 -18.49
N THR A 79 -10.63 9.47 -19.40
CA THR A 79 -12.06 9.66 -19.58
C THR A 79 -12.76 8.63 -18.69
N VAL A 80 -13.41 9.11 -17.63
CA VAL A 80 -14.01 8.24 -16.63
C VAL A 80 -15.52 8.44 -16.62
N GLY A 81 -16.25 7.34 -16.41
CA GLY A 81 -17.66 7.39 -16.12
C GLY A 81 -17.88 6.80 -14.75
N ALA A 82 -19.13 6.56 -14.37
CA ALA A 82 -19.41 6.07 -13.03
C ALA A 82 -20.66 5.20 -13.07
N ARG A 83 -20.66 4.17 -12.24
CA ARG A 83 -21.84 3.34 -12.02
C ARG A 83 -22.58 3.70 -10.76
N GLU A 84 -21.98 4.49 -9.88
CA GLU A 84 -22.61 5.11 -8.72
C GLU A 84 -22.01 6.49 -8.56
N PRO A 85 -22.70 7.39 -7.87
CA PRO A 85 -22.15 8.74 -7.69
C PRO A 85 -20.80 8.71 -6.98
N LEU A 86 -19.84 9.44 -7.54
CA LEU A 86 -18.48 9.49 -7.00
C LEU A 86 -18.12 10.94 -6.68
N SER A 87 -17.84 11.20 -5.40
CA SER A 87 -17.31 12.50 -5.01
C SER A 87 -15.83 12.64 -5.34
N ARG A 88 -15.12 11.52 -5.53
CA ARG A 88 -13.69 11.53 -5.77
C ARG A 88 -13.34 10.45 -6.78
N ILE A 89 -12.28 10.69 -7.54
CA ILE A 89 -11.65 9.68 -8.39
C ILE A 89 -10.42 9.16 -7.66
N VAL A 90 -10.43 7.88 -7.33
CA VAL A 90 -9.34 7.24 -6.58
C VAL A 90 -8.65 6.27 -7.52
N LEU A 91 -7.40 6.56 -7.85
CA LEU A 91 -6.62 5.76 -8.79
C LEU A 91 -5.47 5.07 -8.08
N ASP A 92 -5.09 3.91 -8.62
CA ASP A 92 -3.91 3.20 -8.14
C ASP A 92 -2.65 3.78 -8.78
N LEU A 93 -1.64 4.04 -7.96
CA LEU A 93 -0.34 4.49 -8.44
C LEU A 93 0.72 4.10 -7.43
N LEU A 94 1.80 3.48 -7.91
CA LEU A 94 2.80 2.85 -7.04
C LEU A 94 4.19 3.21 -7.55
N GLY A 95 4.75 4.30 -7.04
CA GLY A 95 6.11 4.67 -7.38
C GLY A 95 6.26 6.12 -7.80
N PRO A 96 5.78 6.45 -9.01
CA PRO A 96 5.91 7.83 -9.50
C PRO A 96 5.13 8.81 -8.63
N ARG A 97 5.49 10.08 -8.74
CA ARG A 97 4.86 11.14 -7.97
C ARG A 97 4.06 12.04 -8.89
N VAL A 98 2.79 12.24 -8.54
CA VAL A 98 1.97 13.20 -9.27
C VAL A 98 2.43 14.61 -8.96
N SER A 99 2.58 15.42 -10.01
CA SER A 99 2.97 16.82 -9.86
C SER A 99 1.87 17.80 -10.21
N ALA A 100 0.87 17.38 -10.98
CA ALA A 100 -0.23 18.25 -11.34
C ALA A 100 -1.44 17.40 -11.69
N ALA A 101 -2.62 17.94 -11.44
CA ALA A 101 -3.87 17.27 -11.71
C ALA A 101 -4.88 18.30 -12.20
N GLN A 102 -5.68 17.92 -13.19
CA GLN A 102 -6.76 18.76 -13.67
C GLN A 102 -7.97 17.90 -13.96
N TRP A 103 -9.14 18.53 -13.88
CA TRP A 103 -10.42 17.87 -14.08
C TRP A 103 -11.22 18.72 -15.06
N ASN A 104 -11.50 18.15 -16.23
CA ASN A 104 -12.18 18.87 -17.31
C ASN A 104 -11.43 20.16 -17.67
N GLY A 105 -10.11 20.14 -17.57
CA GLY A 105 -9.29 21.29 -17.92
C GLY A 105 -9.10 22.33 -16.83
N GLN A 106 -9.70 22.15 -15.67
CA GLN A 106 -9.59 23.08 -14.56
C GLN A 106 -8.75 22.47 -13.45
N ARG A 107 -8.10 23.34 -12.67
CA ARG A 107 -7.28 22.87 -11.57
C ARG A 107 -8.18 22.29 -10.48
N VAL A 108 -7.69 21.23 -9.83
CA VAL A 108 -8.52 20.42 -8.95
C VAL A 108 -7.70 20.01 -7.73
N ARG A 109 -8.41 19.74 -6.63
CA ARG A 109 -7.75 19.29 -5.40
C ARG A 109 -7.44 17.81 -5.48
N TRP A 110 -6.22 17.44 -5.09
CA TRP A 110 -5.77 16.06 -5.19
C TRP A 110 -4.73 15.78 -4.11
N VAL A 111 -4.61 14.51 -3.73
CA VAL A 111 -3.64 14.07 -2.74
C VAL A 111 -3.16 12.67 -3.10
N GLN A 112 -1.86 12.43 -2.93
CA GLN A 112 -1.26 11.12 -3.16
C GLN A 112 -1.01 10.48 -1.80
N THR A 113 -1.72 9.39 -1.51
CA THR A 113 -1.67 8.70 -0.22
C THR A 113 -1.29 7.25 -0.43
N ALA A 114 -0.05 6.89 -0.08
CA ALA A 114 0.41 5.52 -0.05
C ALA A 114 0.43 4.89 -1.44
N GLN A 115 -0.67 4.24 -1.81
CA GLN A 115 -0.78 3.58 -3.10
C GLN A 115 -1.89 4.17 -3.96
N LYS A 116 -2.44 5.32 -3.57
CA LYS A 116 -3.58 5.90 -4.25
C LYS A 116 -3.36 7.38 -4.54
N VAL A 117 -3.94 7.84 -5.64
CA VAL A 117 -4.12 9.26 -5.93
C VAL A 117 -5.60 9.56 -5.82
N GLU A 118 -5.98 10.39 -4.85
CA GLU A 118 -7.37 10.74 -4.60
C GLU A 118 -7.63 12.15 -5.08
N VAL A 119 -8.61 12.31 -5.97
CA VAL A 119 -8.91 13.58 -6.62
C VAL A 119 -10.34 13.97 -6.22
N THR A 120 -10.46 15.04 -5.45
CA THR A 120 -11.77 15.53 -5.04
C THR A 120 -12.36 16.39 -6.16
N LEU A 121 -13.52 15.98 -6.67
CA LEU A 121 -14.17 16.69 -7.77
C LEU A 121 -14.99 17.87 -7.26
N PRO A 122 -15.18 18.89 -8.08
CA PRO A 122 -16.03 20.02 -7.65
C PRO A 122 -17.47 19.61 -7.36
N ARG A 123 -17.99 18.61 -8.06
CA ARG A 123 -19.29 18.04 -7.78
C ARG A 123 -19.24 16.55 -8.14
N PRO A 124 -20.13 15.74 -7.58
CA PRO A 124 -20.04 14.29 -7.80
C PRO A 124 -20.19 13.92 -9.27
N LEU A 125 -19.43 12.91 -9.68
CA LEU A 125 -19.59 12.29 -10.99
C LEU A 125 -20.70 11.25 -10.90
N ARG A 126 -21.74 11.42 -11.71
CA ARG A 126 -22.90 10.56 -11.61
C ARG A 126 -23.08 9.70 -12.85
N PRO A 127 -23.69 8.52 -12.72
CA PRO A 127 -23.83 7.62 -13.86
C PRO A 127 -24.45 8.30 -15.07
N GLY A 128 -23.90 8.01 -16.24
CA GLY A 128 -24.26 8.69 -17.47
C GLY A 128 -23.36 9.85 -17.82
N GLU A 129 -22.69 10.44 -16.85
CA GLU A 129 -21.77 11.54 -17.10
C GLU A 129 -20.34 11.02 -17.27
N THR A 130 -19.53 11.83 -17.96
CA THR A 130 -18.11 11.57 -18.09
C THR A 130 -17.33 12.83 -17.77
N GLY A 131 -16.10 12.64 -17.28
CA GLY A 131 -15.19 13.74 -17.08
C GLY A 131 -13.78 13.34 -17.48
N ARG A 132 -12.93 14.34 -17.65
CA ARG A 132 -11.55 14.13 -18.06
C ARG A 132 -10.63 14.48 -16.90
N LEU A 133 -9.96 13.48 -16.35
CA LEU A 133 -8.97 13.65 -15.31
C LEU A 133 -7.58 13.56 -15.93
N ARG A 134 -6.80 14.62 -15.80
CA ARG A 134 -5.44 14.67 -16.33
C ARG A 134 -4.45 14.68 -15.18
N LEU A 135 -3.41 13.86 -15.29
CA LEU A 135 -2.41 13.73 -14.24
C LEU A 135 -1.02 13.84 -14.85
N ILE A 136 -0.17 14.64 -14.22
CA ILE A 136 1.23 14.78 -14.58
C ILE A 136 2.06 14.13 -13.48
N TYR A 137 2.96 13.22 -13.86
CA TYR A 137 3.69 12.45 -12.86
C TYR A 137 5.04 12.04 -13.41
N ALA A 138 5.93 11.69 -12.49
CA ALA A 138 7.29 11.26 -12.83
C ALA A 138 7.86 10.51 -11.64
N GLY A 139 8.84 9.65 -11.92
CA GLY A 139 9.51 8.91 -10.88
C GLY A 139 9.85 7.48 -11.28
N THR A 140 9.98 6.60 -10.30
CA THR A 140 10.41 5.23 -10.55
C THR A 140 9.29 4.26 -10.23
N PRO A 141 8.77 3.52 -11.21
CA PRO A 141 7.77 2.49 -10.90
C PRO A 141 8.34 1.46 -9.94
N GLU A 142 7.48 0.97 -9.05
CA GLU A 142 7.85 -0.05 -8.09
C GLU A 142 7.14 -1.34 -8.43
N LEU A 143 7.88 -2.45 -8.38
CA LEU A 143 7.30 -3.74 -8.70
C LEU A 143 6.44 -4.21 -7.52
N SER A 144 5.37 -4.92 -7.85
CA SER A 144 4.51 -5.51 -6.84
C SER A 144 4.86 -6.97 -6.63
N GLY A 145 6.10 -7.34 -6.93
CA GLY A 145 6.61 -8.68 -6.74
C GLY A 145 6.33 -9.25 -5.37
N ASP A 146 5.31 -10.05 -5.28
CA ASP A 146 4.77 -10.66 -4.09
C ASP A 146 4.96 -12.15 -4.21
N PRO A 147 5.48 -12.81 -3.19
CA PRO A 147 5.78 -14.25 -3.29
C PRO A 147 4.48 -15.04 -3.36
N GLY A 148 4.35 -15.81 -4.44
CA GLY A 148 3.15 -16.58 -4.73
C GLY A 148 2.67 -16.28 -6.14
N LEU A 149 3.36 -15.36 -6.82
CA LEU A 149 3.13 -14.93 -8.18
C LEU A 149 4.27 -15.39 -9.07
N PRO A 150 3.99 -15.75 -10.34
CA PRO A 150 5.06 -16.22 -11.22
C PRO A 150 6.02 -15.12 -11.66
N ILE A 151 5.65 -13.86 -11.50
CA ILE A 151 6.48 -12.72 -11.84
C ILE A 151 6.40 -11.69 -10.72
N ARG A 152 7.32 -10.74 -10.76
CA ARG A 152 7.19 -9.49 -10.04
C ARG A 152 6.49 -8.56 -11.03
N PRO A 153 5.20 -8.32 -10.88
CA PRO A 153 4.45 -7.62 -11.94
C PRO A 153 4.69 -6.11 -11.90
N GLY A 154 4.84 -5.54 -13.08
CA GLY A 154 4.96 -4.10 -13.21
C GLY A 154 5.95 -3.75 -14.31
N TRP A 155 6.50 -2.54 -14.20
CA TRP A 155 7.43 -2.00 -15.19
C TRP A 155 8.76 -2.75 -15.10
N GLN A 156 9.07 -3.53 -16.13
CA GLN A 156 10.29 -4.34 -16.14
C GLN A 156 11.42 -3.58 -16.82
N ASN A 157 12.64 -3.78 -16.31
CA ASN A 157 13.82 -3.09 -16.82
C ASN A 157 15.00 -4.05 -16.81
N GLU A 158 15.47 -4.44 -18.00
CA GLU A 158 16.62 -5.32 -18.11
C GLU A 158 17.19 -5.26 -19.52
N ALA A 159 18.52 -5.16 -19.60
CA ALA A 159 19.26 -5.29 -20.86
C ALA A 159 18.79 -4.28 -21.90
N GLY A 160 18.81 -3.00 -21.53
CA GLY A 160 18.45 -1.93 -22.44
C GLY A 160 17.01 -1.89 -22.87
N LEU A 161 16.14 -2.67 -22.23
CA LEU A 161 14.72 -2.70 -22.54
C LEU A 161 13.93 -2.32 -21.30
N SER A 162 12.85 -1.57 -21.51
CA SER A 162 11.83 -1.37 -20.50
C SER A 162 10.49 -1.73 -21.09
N TYR A 163 9.68 -2.45 -20.32
CA TYR A 163 8.44 -3.00 -20.85
C TYR A 163 7.52 -3.32 -19.70
N SER A 164 6.22 -3.34 -20.00
CA SER A 164 5.21 -3.66 -19.01
C SER A 164 4.92 -5.15 -19.00
N LEU A 165 4.97 -5.75 -17.81
CA LEU A 165 4.58 -7.14 -17.58
C LEU A 165 3.89 -7.14 -16.22
N SER A 166 2.61 -6.78 -16.23
CA SER A 166 1.94 -6.25 -15.04
C SER A 166 0.71 -7.04 -14.64
N GLU A 167 0.60 -8.30 -15.04
CA GLU A 167 -0.49 -9.08 -14.48
C GLU A 167 -0.06 -9.67 -13.15
N PRO A 168 -0.85 -9.53 -12.07
CA PRO A 168 -2.19 -8.92 -12.08
C PRO A 168 -2.25 -7.41 -11.83
N HIS A 169 -1.45 -6.88 -10.91
CA HIS A 169 -1.63 -5.52 -10.40
C HIS A 169 -0.35 -4.70 -10.51
N GLY A 170 0.28 -4.73 -11.69
CA GLY A 170 1.51 -3.99 -11.86
C GLY A 170 1.40 -2.70 -12.65
N THR A 171 0.33 -2.56 -13.46
CA THR A 171 0.17 -1.37 -14.30
C THR A 171 0.21 -0.08 -13.48
N ARG A 172 -0.29 -0.13 -12.25
CA ARG A 172 -0.26 1.05 -11.38
C ARG A 172 1.15 1.55 -11.16
N GLY A 173 2.17 0.74 -11.48
CA GLY A 173 3.54 1.17 -11.30
C GLY A 173 3.93 2.30 -12.24
N PHE A 174 3.44 2.27 -13.48
CA PHE A 174 3.80 3.29 -14.45
C PHE A 174 2.62 4.08 -14.98
N LEU A 175 1.40 3.79 -14.55
CA LEU A 175 0.23 4.49 -15.06
C LEU A 175 -0.83 4.62 -13.96
N PRO A 176 -1.23 5.84 -13.61
CA PRO A 176 -2.35 6.01 -12.67
C PRO A 176 -3.63 5.45 -13.28
N CYS A 177 -4.18 4.42 -12.64
CA CYS A 177 -5.14 3.55 -13.31
C CYS A 177 -6.07 2.96 -12.27
N ASN A 178 -7.30 2.66 -12.72
CA ASN A 178 -8.17 1.72 -12.03
C ASN A 178 -7.68 0.31 -12.30
N ASP A 179 -6.80 -0.19 -11.42
CA ASP A 179 -5.99 -1.37 -11.71
C ASP A 179 -6.72 -2.65 -11.29
N HIS A 180 -7.79 -2.95 -12.03
CA HIS A 180 -8.57 -4.15 -11.78
C HIS A 180 -9.19 -4.60 -13.10
N PRO A 181 -9.21 -5.91 -13.39
CA PRO A 181 -9.71 -6.37 -14.69
C PRO A 181 -11.19 -6.18 -14.89
N SER A 182 -11.95 -5.82 -13.86
CA SER A 182 -13.37 -5.57 -14.05
C SER A 182 -13.65 -4.21 -14.67
N ASP A 183 -12.62 -3.41 -14.89
CA ASP A 183 -12.74 -2.09 -15.51
C ASP A 183 -11.78 -1.99 -16.69
N PRO A 184 -12.09 -2.66 -17.80
CA PRO A 184 -11.27 -2.49 -19.00
C PRO A 184 -11.55 -1.15 -19.65
N ALA A 185 -10.60 -0.71 -20.48
CA ALA A 185 -10.72 0.59 -21.14
C ALA A 185 -9.95 0.56 -22.45
N THR A 186 -10.24 1.53 -23.30
CA THR A 186 -9.44 1.75 -24.49
C THR A 186 -8.21 2.59 -24.15
N PHE A 187 -7.22 2.54 -25.03
CA PHE A 187 -5.94 3.19 -24.76
C PHE A 187 -5.47 3.92 -26.00
N THR A 188 -4.93 5.12 -25.79
CA THR A 188 -4.10 5.80 -26.78
C THR A 188 -2.80 6.15 -26.08
N VAL A 189 -1.68 5.68 -26.62
CA VAL A 189 -0.39 5.83 -25.97
C VAL A 189 0.57 6.53 -26.91
N ARG A 190 1.16 7.62 -26.44
CA ARG A 190 2.28 8.29 -27.09
C ARG A 190 3.52 7.98 -26.27
N VAL A 191 4.49 7.32 -26.86
CA VAL A 191 5.73 6.95 -26.18
C VAL A 191 6.86 7.76 -26.78
N THR A 192 7.53 8.56 -25.96
CA THR A 192 8.67 9.36 -26.39
C THR A 192 9.95 8.69 -25.89
N VAL A 193 10.86 8.40 -26.81
CA VAL A 193 12.08 7.64 -26.54
C VAL A 193 13.23 8.31 -27.26
N PRO A 194 14.47 8.04 -26.84
CA PRO A 194 15.61 8.54 -27.61
C PRO A 194 15.54 8.07 -29.05
N ALA A 195 16.12 8.88 -29.95
CA ALA A 195 16.06 8.56 -31.38
C ALA A 195 16.69 7.21 -31.68
N SER A 196 17.74 6.84 -30.95
CA SER A 196 18.40 5.56 -31.17
C SER A 196 17.50 4.38 -30.81
N ALA A 197 16.45 4.59 -30.05
CA ALA A 197 15.59 3.51 -29.58
C ALA A 197 14.29 3.49 -30.36
N SER A 198 13.42 2.54 -30.02
CA SER A 198 12.10 2.44 -30.60
C SER A 198 11.10 2.08 -29.50
N ALA A 199 9.85 1.90 -29.88
CA ALA A 199 8.81 1.58 -28.91
C ALA A 199 7.65 0.89 -29.62
N ALA A 200 6.93 0.07 -28.86
CA ALA A 200 5.73 -0.58 -29.33
C ALA A 200 4.76 -0.70 -28.18
N ALA A 201 3.50 -0.38 -28.43
CA ALA A 201 2.43 -0.51 -27.45
C ALA A 201 1.25 -1.21 -28.10
N SER A 202 0.33 -1.69 -27.26
CA SER A 202 -0.91 -2.27 -27.76
C SER A 202 -1.66 -1.24 -28.60
N GLY A 203 -2.25 -1.70 -29.69
CA GLY A 203 -3.00 -0.87 -30.58
C GLY A 203 -2.29 -0.65 -31.91
N LEU A 204 -3.05 -0.16 -32.89
CA LEU A 204 -2.50 0.05 -34.21
C LEU A 204 -1.55 1.25 -34.21
N PHE A 205 -0.35 1.04 -34.73
CA PHE A 205 0.66 2.09 -34.82
C PHE A 205 0.34 3.03 -35.97
N THR A 206 0.23 4.33 -35.68
CA THR A 206 -0.08 5.32 -36.70
C THR A 206 1.14 6.17 -37.05
N THR A 207 1.57 7.06 -36.15
CA THR A 207 2.54 8.08 -36.48
C THR A 207 3.81 7.94 -35.64
N GLN A 208 4.91 8.44 -36.20
CA GLN A 208 6.16 8.60 -35.48
C GLN A 208 6.77 9.93 -35.89
N THR A 209 7.08 10.78 -34.90
CA THR A 209 7.70 12.07 -35.13
C THR A 209 9.01 12.13 -34.36
N GLU A 210 9.90 13.01 -34.80
CA GLU A 210 11.26 13.07 -34.26
C GLU A 210 11.75 14.50 -34.18
N ARG A 211 12.20 14.91 -32.99
CA ARG A 211 12.76 16.24 -32.80
C ARG A 211 13.69 16.21 -31.59
N ASN A 212 14.78 16.99 -31.68
CA ASN A 212 15.77 17.12 -30.61
C ASN A 212 16.32 15.77 -30.17
N GLY A 213 16.45 14.84 -31.11
CA GLY A 213 16.94 13.52 -30.78
C GLY A 213 15.96 12.63 -30.06
N LEU A 214 14.67 12.98 -30.05
CA LEU A 214 13.64 12.19 -29.39
C LEU A 214 12.60 11.79 -30.43
N LYS A 215 12.19 10.53 -30.39
CA LYS A 215 11.10 10.03 -31.24
C LYS A 215 9.86 9.80 -30.39
N THR A 216 8.70 10.13 -30.98
CA THR A 216 7.40 9.91 -30.34
C THR A 216 6.56 9.04 -31.26
N LEU A 217 6.08 7.91 -30.73
CA LEU A 217 5.28 6.98 -31.48
C LEU A 217 3.88 6.89 -30.85
N THR A 218 2.87 6.76 -31.70
CA THR A 218 1.47 6.76 -31.25
C THR A 218 0.81 5.44 -31.63
N PHE A 219 0.14 4.83 -30.65
CA PHE A 219 -0.57 3.57 -30.82
C PHE A 219 -1.97 3.73 -30.26
N THR A 220 -2.96 3.13 -30.93
CA THR A 220 -4.37 3.30 -30.58
C THR A 220 -5.01 1.94 -30.35
N GLN A 221 -5.32 1.62 -29.09
CA GLN A 221 -6.02 0.39 -28.73
C GLN A 221 -7.51 0.71 -28.69
N ARG A 222 -8.25 0.29 -29.71
CA ARG A 222 -9.63 0.72 -29.92
C ARG A 222 -10.67 -0.26 -29.38
N VAL A 223 -10.26 -1.38 -28.80
CA VAL A 223 -11.21 -2.25 -28.11
C VAL A 223 -10.77 -2.37 -26.65
N PRO A 224 -11.69 -2.29 -25.70
CA PRO A 224 -11.29 -2.16 -24.29
C PRO A 224 -10.70 -3.44 -23.75
N VAL A 225 -9.60 -3.29 -23.01
CA VAL A 225 -8.90 -4.41 -22.40
C VAL A 225 -8.44 -4.01 -21.00
N PRO A 226 -8.22 -4.98 -20.12
CA PRO A 226 -7.75 -4.64 -18.76
C PRO A 226 -6.44 -3.90 -18.77
N THR A 227 -6.15 -3.25 -17.64
CA THR A 227 -4.92 -2.45 -17.51
C THR A 227 -3.68 -3.29 -17.78
N TYR A 228 -3.62 -4.50 -17.21
CA TYR A 228 -2.44 -5.34 -17.43
C TYR A 228 -2.34 -5.83 -18.87
N ALA A 229 -3.46 -5.86 -19.59
CA ALA A 229 -3.44 -6.23 -21.00
C ALA A 229 -2.83 -5.15 -21.89
N LEU A 230 -2.42 -4.02 -21.33
CA LEU A 230 -1.81 -2.95 -22.11
C LEU A 230 -0.35 -3.31 -22.38
N GLY A 231 -0.03 -3.59 -23.63
CA GLY A 231 1.35 -3.81 -24.02
C GLY A 231 2.07 -2.49 -24.18
N LEU A 232 3.31 -2.45 -23.69
CA LEU A 232 4.14 -1.25 -23.80
C LEU A 232 5.59 -1.69 -23.64
N ILE A 233 6.38 -1.53 -24.68
CA ILE A 233 7.78 -1.94 -24.70
C ILE A 233 8.60 -0.83 -25.35
N VAL A 234 9.74 -0.52 -24.74
CA VAL A 234 10.66 0.49 -25.29
C VAL A 234 12.07 -0.07 -25.25
N GLY A 235 12.86 0.29 -26.26
CA GLY A 235 14.19 -0.22 -26.40
C GLY A 235 14.52 -0.50 -27.87
N PRO A 236 15.62 -1.21 -28.12
CA PRO A 236 15.96 -1.54 -29.51
C PRO A 236 15.08 -2.64 -30.08
N LEU A 237 14.11 -2.25 -30.92
CA LEU A 237 13.15 -3.20 -31.45
C LEU A 237 12.77 -2.82 -32.87
N GLU A 238 12.25 -3.80 -33.61
CA GLU A 238 11.90 -3.64 -35.01
C GLU A 238 10.50 -4.16 -35.25
N ARG A 239 9.73 -3.44 -36.06
CA ARG A 239 8.35 -3.79 -36.37
C ARG A 239 8.29 -4.48 -37.73
N ARG A 240 7.64 -5.64 -37.78
CA ARG A 240 7.57 -6.46 -38.99
C ARG A 240 6.12 -6.82 -39.26
N THR A 241 5.57 -6.30 -40.35
CA THR A 241 4.20 -6.61 -40.74
C THR A 241 4.15 -7.93 -41.52
N ALA A 242 2.99 -8.58 -41.47
CA ALA A 242 2.69 -9.77 -42.23
C ALA A 242 1.37 -9.55 -42.98
N PRO A 243 1.08 -10.37 -43.98
CA PRO A 243 -0.17 -10.18 -44.74
C PRO A 243 -1.40 -10.29 -43.86
N ASP A 244 -2.45 -9.58 -44.25
CA ASP A 244 -3.70 -9.59 -43.53
C ASP A 244 -4.26 -11.02 -43.43
N VAL A 245 -4.98 -11.28 -42.35
CA VAL A 245 -5.67 -12.53 -42.14
C VAL A 245 -7.16 -12.28 -42.33
N GLN A 246 -7.78 -13.00 -43.25
CA GLN A 246 -9.20 -12.85 -43.54
C GLN A 246 -9.97 -13.96 -42.81
N LEU A 247 -10.84 -13.55 -41.90
CA LEU A 247 -11.71 -14.46 -41.17
C LEU A 247 -13.15 -14.23 -41.62
N GLY A 248 -13.43 -14.62 -42.86
CA GLY A 248 -14.69 -14.26 -43.48
C GLY A 248 -14.78 -12.78 -43.73
N THR A 249 -15.80 -12.12 -43.17
CA THR A 249 -15.92 -10.67 -43.32
C THR A 249 -14.79 -9.95 -42.61
N GLN A 250 -14.35 -10.47 -41.45
CA GLN A 250 -13.40 -9.77 -40.61
C GLN A 250 -11.99 -9.85 -41.19
N THR A 251 -11.29 -8.72 -41.18
CA THR A 251 -9.88 -8.65 -41.52
C THR A 251 -9.10 -8.39 -40.23
N VAL A 252 -8.01 -9.14 -40.04
CA VAL A 252 -7.16 -9.01 -38.87
C VAL A 252 -5.76 -8.70 -39.35
N HIS A 253 -5.24 -7.54 -38.97
CA HIS A 253 -3.90 -7.16 -39.38
C HIS A 253 -2.86 -7.99 -38.63
N ARG A 254 -1.67 -8.07 -39.21
CA ARG A 254 -0.61 -8.91 -38.68
C ARG A 254 0.66 -8.07 -38.56
N ARG A 255 1.21 -8.05 -37.35
CA ARG A 255 2.44 -7.31 -37.07
C ARG A 255 3.12 -7.98 -35.87
N ASP A 256 4.42 -8.21 -35.98
CA ASP A 256 5.22 -8.70 -34.87
C ASP A 256 6.32 -7.70 -34.54
N ILE A 257 6.81 -7.77 -33.31
CA ILE A 257 7.95 -6.99 -32.86
C ILE A 257 9.11 -7.94 -32.63
N TYR A 258 10.29 -7.55 -33.11
CA TYR A 258 11.52 -8.29 -32.89
C TYR A 258 12.52 -7.37 -32.21
N ALA A 259 12.73 -7.58 -30.90
CA ALA A 259 13.80 -6.88 -30.21
C ALA A 259 15.15 -7.37 -30.68
N ALA A 260 16.18 -6.57 -30.45
CA ALA A 260 17.53 -6.95 -30.83
C ALA A 260 18.06 -8.05 -29.92
N GLY A 261 18.99 -8.85 -30.46
CA GLY A 261 19.68 -9.84 -29.67
C GLY A 261 18.89 -11.08 -29.32
N LEU A 262 17.95 -11.48 -30.17
CA LEU A 262 17.18 -12.69 -29.91
C LEU A 262 18.04 -13.93 -30.12
N PRO A 263 17.77 -15.00 -29.37
CA PRO A 263 18.47 -16.27 -29.62
C PRO A 263 18.20 -16.78 -31.02
N ALA A 264 19.13 -17.60 -31.50
CA ALA A 264 18.96 -18.21 -32.81
C ALA A 264 17.72 -19.11 -32.84
N GLY A 265 16.92 -18.98 -33.89
CA GLY A 265 15.72 -19.76 -34.00
C GLY A 265 14.53 -19.25 -33.22
N THR A 266 14.50 -17.95 -32.91
CA THR A 266 13.34 -17.34 -32.26
C THR A 266 12.47 -16.76 -33.37
N THR A 267 11.46 -17.51 -33.79
CA THR A 267 10.65 -17.14 -34.95
C THR A 267 9.18 -17.37 -34.63
N VAL A 268 8.35 -16.81 -35.50
CA VAL A 268 6.94 -17.16 -35.65
C VAL A 268 6.81 -17.94 -36.96
N PRO A 269 6.61 -19.26 -36.92
CA PRO A 269 6.56 -20.03 -38.17
C PRO A 269 5.54 -19.45 -39.13
N GLU A 270 5.92 -19.39 -40.41
CA GLU A 270 5.10 -18.75 -41.42
C GLU A 270 3.73 -19.42 -41.49
N GLY A 271 2.68 -18.60 -41.54
CA GLY A 271 1.33 -19.09 -41.69
C GLY A 271 0.69 -19.63 -40.43
N GLU A 272 1.46 -19.79 -39.35
CA GLU A 272 0.93 -20.42 -38.15
C GLU A 272 -0.12 -19.54 -37.48
N THR A 273 0.14 -18.24 -37.38
CA THR A 273 -0.78 -17.34 -36.70
C THR A 273 -2.11 -17.24 -37.45
N ALA A 274 -2.09 -17.33 -38.78
CA ALA A 274 -3.33 -17.33 -39.54
C ALA A 274 -4.14 -18.59 -39.27
N ARG A 275 -3.49 -19.75 -39.23
CA ARG A 275 -4.19 -20.98 -38.92
C ARG A 275 -4.73 -20.97 -37.49
N MET A 276 -3.94 -20.45 -36.54
CA MET A 276 -4.40 -20.33 -35.16
C MET A 276 -5.60 -19.41 -35.06
N LEU A 277 -5.56 -18.26 -35.74
CA LEU A 277 -6.67 -17.33 -35.68
C LEU A 277 -7.94 -17.97 -36.24
N ARG A 278 -7.83 -18.65 -37.37
CA ARG A 278 -8.98 -19.32 -37.97
C ARG A 278 -9.56 -20.39 -37.05
N VAL A 279 -8.69 -21.24 -36.49
CA VAL A 279 -9.17 -22.33 -35.64
C VAL A 279 -9.80 -21.81 -34.36
N LEU A 280 -9.15 -20.84 -33.72
CA LEU A 280 -9.69 -20.32 -32.46
C LEU A 280 -10.95 -19.52 -32.66
N SER A 281 -11.00 -18.68 -33.71
CA SER A 281 -12.19 -17.87 -33.94
C SER A 281 -13.37 -18.72 -34.39
N ASP A 282 -13.11 -19.85 -35.06
CA ASP A 282 -14.18 -20.79 -35.38
C ASP A 282 -14.76 -21.41 -34.12
N TRP A 283 -14.01 -21.43 -33.02
CA TRP A 283 -14.48 -21.97 -31.75
C TRP A 283 -15.12 -20.91 -30.87
N PHE A 284 -14.55 -19.70 -30.85
CA PHE A 284 -14.91 -18.68 -29.87
C PHE A 284 -15.74 -17.55 -30.45
N GLY A 285 -15.87 -17.46 -31.76
CA GLY A 285 -16.46 -16.30 -32.40
C GLY A 285 -15.39 -15.35 -32.87
N PRO A 286 -15.80 -14.21 -33.42
CA PRO A 286 -14.83 -13.30 -34.06
C PRO A 286 -13.71 -12.87 -33.12
N TYR A 287 -12.53 -12.71 -33.70
CA TYR A 287 -11.38 -12.19 -32.97
C TYR A 287 -11.68 -10.77 -32.49
N PRO A 288 -11.43 -10.46 -31.21
CA PRO A 288 -11.93 -9.19 -30.65
C PRO A 288 -11.19 -7.96 -31.13
N ASP A 289 -10.00 -8.09 -31.69
CA ASP A 289 -9.12 -6.95 -31.91
C ASP A 289 -8.93 -6.73 -33.42
N GLU A 290 -8.16 -5.67 -33.75
CA GLU A 290 -7.89 -5.32 -35.13
C GLU A 290 -6.59 -5.89 -35.65
N VAL A 291 -5.69 -6.31 -34.75
CA VAL A 291 -4.37 -6.80 -35.11
C VAL A 291 -3.98 -7.90 -34.14
N TYR A 292 -3.12 -8.80 -34.59
CA TYR A 292 -2.46 -9.71 -33.66
C TYR A 292 -1.02 -9.91 -34.07
N GLY A 293 -0.18 -10.09 -33.06
CA GLY A 293 1.21 -10.46 -33.26
C GLY A 293 1.86 -10.68 -31.92
N VAL A 294 3.16 -10.97 -31.97
CA VAL A 294 3.95 -11.14 -30.75
C VAL A 294 5.05 -10.09 -30.74
N ALA A 295 5.52 -9.79 -29.52
CA ALA A 295 6.71 -8.97 -29.31
C ALA A 295 7.75 -9.89 -28.69
N LEU A 296 8.67 -10.39 -29.51
CA LEU A 296 9.67 -11.34 -29.07
C LEU A 296 10.80 -10.62 -28.33
N LEU A 297 11.04 -11.01 -27.09
CA LEU A 297 12.02 -10.35 -26.26
C LEU A 297 13.16 -11.31 -25.88
N PRO A 298 14.41 -10.83 -25.88
CA PRO A 298 15.54 -11.71 -25.53
C PRO A 298 15.69 -11.95 -24.04
N VAL A 299 14.60 -11.83 -23.30
CA VAL A 299 14.63 -11.97 -21.86
C VAL A 299 14.07 -13.33 -21.48
N ARG A 300 14.27 -13.72 -20.22
CA ARG A 300 13.84 -15.02 -19.72
C ARG A 300 12.66 -14.79 -18.79
N GLN A 301 11.45 -15.00 -19.30
CA GLN A 301 10.25 -14.66 -18.57
C GLN A 301 9.07 -15.38 -19.21
N LEU A 302 7.96 -15.41 -18.47
CA LEU A 302 6.72 -15.96 -19.00
C LEU A 302 6.09 -14.99 -19.99
N ALA A 303 5.29 -15.54 -20.90
CA ALA A 303 4.56 -14.74 -21.86
C ALA A 303 3.31 -14.14 -21.23
N LEU A 304 2.93 -12.95 -21.71
CA LEU A 304 1.74 -12.25 -21.24
C LEU A 304 0.92 -11.81 -22.43
N GLU A 305 -0.39 -12.02 -22.34
CA GLU A 305 -1.31 -11.78 -23.45
C GLU A 305 -1.65 -10.31 -23.63
N THR A 306 -0.65 -9.44 -23.67
CA THR A 306 -0.93 -8.03 -23.90
C THR A 306 -1.72 -7.85 -25.20
N ALA A 307 -2.67 -6.92 -25.17
CA ALA A 307 -3.73 -6.85 -26.17
C ALA A 307 -3.19 -6.66 -27.58
N GLY A 308 -3.59 -7.56 -28.48
CA GLY A 308 -3.20 -7.47 -29.88
C GLY A 308 -1.72 -7.67 -30.15
N LEU A 309 -0.89 -7.66 -29.10
CA LEU A 309 0.57 -7.76 -29.25
C LEU A 309 1.07 -8.47 -28.00
N THR A 310 1.20 -9.79 -28.08
CA THR A 310 1.59 -10.57 -26.92
C THR A 310 3.06 -10.30 -26.59
N THR A 311 3.31 -9.95 -25.33
CA THR A 311 4.68 -9.81 -24.82
C THR A 311 5.27 -11.21 -24.66
N MET A 312 6.23 -11.55 -25.51
CA MET A 312 6.72 -12.92 -25.66
C MET A 312 8.21 -12.99 -25.41
N PRO A 313 8.66 -13.16 -24.17
CA PRO A 313 10.05 -13.51 -23.93
C PRO A 313 10.42 -14.78 -24.68
N ALA A 314 11.65 -14.83 -25.19
CA ALA A 314 12.03 -15.90 -26.10
C ALA A 314 12.00 -17.27 -25.43
N THR A 315 12.20 -17.33 -24.12
CA THR A 315 12.21 -18.63 -23.44
C THR A 315 10.83 -19.26 -23.42
N SER A 316 9.78 -18.48 -23.60
CA SER A 316 8.41 -18.98 -23.66
C SER A 316 7.92 -19.17 -25.08
N ASN A 317 8.74 -18.89 -26.09
CA ASN A 317 8.28 -18.82 -27.47
C ASN A 317 8.18 -20.25 -28.03
N ARG A 318 7.07 -20.90 -27.71
CA ARG A 318 6.72 -22.22 -28.25
C ARG A 318 5.35 -22.13 -28.88
N GLU A 319 5.05 -23.09 -29.75
CA GLU A 319 3.76 -23.09 -30.46
C GLU A 319 2.59 -23.04 -29.48
N ARG A 320 2.67 -23.81 -28.40
CA ARG A 320 1.54 -23.93 -27.48
C ARG A 320 1.37 -22.66 -26.64
N VAL A 321 2.47 -21.94 -26.38
CA VAL A 321 2.35 -20.67 -25.69
C VAL A 321 1.82 -19.59 -26.61
N ARG A 322 2.22 -19.61 -27.88
CA ARG A 322 1.69 -18.65 -28.85
C ARG A 322 0.19 -18.84 -29.02
N LEU A 323 -0.27 -20.09 -29.05
CA LEU A 323 -1.69 -20.37 -29.06
C LEU A 323 -2.35 -19.89 -27.79
N HIS A 324 -1.80 -20.31 -26.64
CA HIS A 324 -2.31 -19.92 -25.32
C HIS A 324 -2.53 -18.41 -25.24
N ALA A 325 -1.49 -17.63 -25.52
CA ALA A 325 -1.60 -16.18 -25.45
C ALA A 325 -2.66 -15.64 -26.41
N LEU A 326 -2.76 -16.22 -27.60
CA LEU A 326 -3.78 -15.78 -28.56
C LEU A 326 -5.19 -16.09 -28.05
N ALA A 327 -5.39 -17.28 -27.48
CA ALA A 327 -6.68 -17.60 -26.88
C ALA A 327 -7.07 -16.59 -25.82
N HIS A 328 -6.08 -16.07 -25.07
CA HIS A 328 -6.34 -15.11 -24.02
C HIS A 328 -6.91 -13.80 -24.55
N GLN A 329 -6.64 -13.46 -25.82
CA GLN A 329 -7.27 -12.28 -26.40
C GLN A 329 -8.79 -12.33 -26.26
N TRP A 330 -9.38 -13.52 -26.34
CA TRP A 330 -10.79 -13.70 -25.99
C TRP A 330 -10.96 -13.78 -24.48
N PHE A 331 -10.35 -14.79 -23.87
CA PHE A 331 -10.58 -15.14 -22.46
C PHE A 331 -9.51 -14.47 -21.62
N GLY A 332 -9.81 -13.25 -21.17
CA GLY A 332 -8.89 -12.47 -20.37
C GLY A 332 -8.89 -11.02 -20.79
N ASP A 333 -8.77 -10.78 -22.10
CA ASP A 333 -8.72 -9.42 -22.63
C ASP A 333 -10.08 -8.91 -23.06
N GLN A 334 -10.87 -9.75 -23.74
CA GLN A 334 -12.24 -9.41 -24.08
C GLN A 334 -13.19 -9.77 -22.94
N VAL A 335 -13.24 -11.05 -22.59
CA VAL A 335 -13.98 -11.52 -21.42
C VAL A 335 -13.05 -11.36 -20.22
N THR A 336 -13.35 -10.39 -19.36
CA THR A 336 -12.46 -10.04 -18.26
C THR A 336 -13.04 -10.51 -16.94
N LEU A 337 -12.16 -10.65 -15.95
CA LEU A 337 -12.53 -11.18 -14.65
C LEU A 337 -13.18 -10.12 -13.77
N ALA A 338 -14.25 -10.51 -13.09
CA ALA A 338 -14.84 -9.66 -12.07
C ALA A 338 -14.02 -9.66 -10.78
N ASP A 339 -13.27 -10.74 -10.55
CA ASP A 339 -12.56 -10.94 -9.29
C ASP A 339 -11.39 -11.87 -9.55
N TRP A 340 -10.22 -11.52 -9.03
CA TRP A 340 -9.00 -12.28 -9.31
C TRP A 340 -9.05 -13.71 -8.80
N ALA A 341 -10.06 -14.07 -7.99
CA ALA A 341 -10.24 -15.45 -7.57
C ALA A 341 -10.63 -16.37 -8.72
N ASP A 342 -11.17 -15.81 -9.81
CA ASP A 342 -11.70 -16.60 -10.92
C ASP A 342 -10.70 -16.71 -12.06
N THR A 343 -9.40 -16.70 -11.75
CA THR A 343 -8.36 -16.74 -12.77
C THR A 343 -8.53 -17.93 -13.72
N TRP A 344 -9.12 -19.03 -13.24
CA TRP A 344 -9.29 -20.20 -14.09
C TRP A 344 -10.19 -19.92 -15.28
N LEU A 345 -11.04 -18.90 -15.19
CA LEU A 345 -11.84 -18.50 -16.35
C LEU A 345 -10.97 -17.97 -17.48
N SER A 346 -9.82 -17.39 -17.14
CA SER A 346 -8.83 -17.02 -18.14
C SER A 346 -7.87 -18.17 -18.43
N GLU A 347 -7.21 -18.67 -17.38
CA GLU A 347 -6.12 -19.62 -17.58
C GLU A 347 -6.63 -20.99 -18.01
N GLY A 348 -7.75 -21.43 -17.44
CA GLY A 348 -8.32 -22.71 -17.85
C GLY A 348 -8.83 -22.68 -19.28
N PHE A 349 -9.47 -21.58 -19.68
CA PHE A 349 -9.96 -21.48 -21.05
C PHE A 349 -8.81 -21.34 -22.04
N ALA A 350 -7.80 -20.55 -21.70
CA ALA A 350 -6.63 -20.46 -22.57
C ALA A 350 -5.92 -21.79 -22.68
N THR A 351 -5.90 -22.56 -21.58
CA THR A 351 -5.27 -23.87 -21.61
C THR A 351 -6.06 -24.86 -22.45
N TYR A 352 -7.39 -24.83 -22.34
CA TYR A 352 -8.20 -25.75 -23.13
C TYR A 352 -8.09 -25.46 -24.62
N ALA A 353 -7.89 -24.19 -25.00
CA ALA A 353 -7.68 -23.87 -26.40
C ALA A 353 -6.48 -24.61 -26.98
N GLU A 354 -5.47 -24.91 -26.15
CA GLU A 354 -4.33 -25.68 -26.63
C GLU A 354 -4.76 -27.06 -27.11
N LEU A 355 -5.74 -27.66 -26.42
CA LEU A 355 -6.26 -28.96 -26.82
C LEU A 355 -7.15 -28.84 -28.06
N LEU A 356 -7.94 -27.77 -28.14
CA LEU A 356 -8.72 -27.54 -29.35
C LEU A 356 -7.81 -27.32 -30.55
N TRP A 357 -6.71 -26.59 -30.36
CA TRP A 357 -5.75 -26.39 -31.42
C TRP A 357 -5.03 -27.69 -31.78
N ALA A 358 -4.69 -28.49 -30.77
CA ALA A 358 -4.01 -29.76 -31.03
C ALA A 358 -4.89 -30.68 -31.86
N GLU A 359 -6.16 -30.81 -31.49
CA GLU A 359 -7.09 -31.62 -32.27
C GLU A 359 -7.21 -31.09 -33.69
N SER A 360 -7.30 -29.76 -33.84
CA SER A 360 -7.38 -29.17 -35.16
C SER A 360 -6.19 -29.56 -36.03
N GLN A 361 -5.03 -29.79 -35.42
CA GLN A 361 -3.84 -30.22 -36.14
C GLN A 361 -3.71 -31.74 -36.20
N GLY A 362 -4.79 -32.47 -35.96
CA GLY A 362 -4.80 -33.92 -36.10
C GLY A 362 -4.34 -34.71 -34.89
N GLU A 363 -4.04 -34.06 -33.77
CA GLU A 363 -3.57 -34.77 -32.60
C GLU A 363 -4.74 -35.30 -31.76
N ASP A 364 -4.41 -36.15 -30.78
CA ASP A 364 -5.40 -36.80 -29.93
C ASP A 364 -5.67 -35.89 -28.74
N GLY A 365 -6.90 -35.37 -28.67
CA GLY A 365 -7.25 -34.47 -27.58
C GLY A 365 -7.35 -35.19 -26.23
N GLN A 366 -7.96 -36.37 -26.22
CA GLN A 366 -8.14 -37.10 -24.97
C GLN A 366 -6.79 -37.43 -24.33
N ALA A 367 -5.78 -37.72 -25.16
CA ALA A 367 -4.44 -37.99 -24.63
C ALA A 367 -3.86 -36.75 -23.97
N MET A 368 -4.11 -35.57 -24.54
CA MET A 368 -3.64 -34.34 -23.90
C MET A 368 -4.39 -34.08 -22.59
N ALA A 369 -5.70 -34.32 -22.58
CA ALA A 369 -6.46 -34.21 -21.34
C ALA A 369 -5.92 -35.18 -20.31
N ALA A 370 -5.61 -36.41 -20.73
CA ALA A 370 -5.04 -37.40 -19.81
C ALA A 370 -3.69 -36.96 -19.28
N ASP A 371 -2.93 -36.20 -20.08
CA ASP A 371 -1.67 -35.66 -19.59
C ASP A 371 -1.90 -34.58 -18.54
N TRP A 372 -2.88 -33.70 -18.75
CA TRP A 372 -3.28 -32.75 -17.73
C TRP A 372 -3.62 -33.47 -16.43
N TYR A 373 -4.42 -34.55 -16.54
CA TYR A 373 -4.84 -35.27 -15.34
C TYR A 373 -3.67 -35.99 -14.68
N ALA A 374 -2.80 -36.61 -15.48
CA ALA A 374 -1.63 -37.29 -14.92
C ALA A 374 -0.76 -36.32 -14.13
N ARG A 375 -0.77 -35.04 -14.48
CA ARG A 375 0.01 -34.05 -13.76
C ARG A 375 -0.72 -33.51 -12.53
N LEU A 376 -2.06 -33.55 -12.53
CA LEU A 376 -2.81 -33.11 -11.36
C LEU A 376 -2.95 -34.21 -10.31
N SER A 377 -2.91 -35.49 -10.73
CA SER A 377 -3.11 -36.59 -9.81
C SER A 377 -2.05 -36.64 -8.70
N VAL A 378 -0.89 -36.03 -8.91
CA VAL A 378 0.18 -36.03 -7.93
C VAL A 378 0.35 -34.67 -7.27
N LEU A 379 -0.54 -33.73 -7.57
CA LEU A 379 -0.51 -32.40 -6.98
C LEU A 379 -1.70 -32.20 -6.06
N PRO A 380 -1.58 -31.33 -5.07
CA PRO A 380 -2.77 -30.90 -4.32
C PRO A 380 -3.79 -30.29 -5.25
N SER A 381 -5.06 -30.49 -4.92
CA SER A 381 -6.15 -29.90 -5.69
C SER A 381 -6.98 -29.00 -4.80
N ARG A 382 -7.81 -28.18 -5.44
CA ARG A 382 -8.59 -27.15 -4.77
C ARG A 382 -9.82 -26.86 -5.63
N PRO A 383 -10.87 -26.28 -5.04
CA PRO A 383 -11.92 -25.71 -5.87
C PRO A 383 -11.34 -24.66 -6.80
N LEU A 384 -12.07 -24.39 -7.88
CA LEU A 384 -11.51 -23.51 -8.91
C LEU A 384 -11.44 -22.06 -8.46
N ARG A 385 -12.37 -21.61 -7.61
CA ARG A 385 -12.31 -20.27 -7.05
C ARG A 385 -11.14 -20.18 -6.08
N ALA A 386 -10.14 -19.37 -6.41
CA ALA A 386 -8.98 -19.21 -5.54
C ALA A 386 -9.33 -18.38 -4.32
N THR A 387 -8.68 -18.69 -3.19
CA THR A 387 -8.84 -17.90 -1.98
C THR A 387 -7.55 -17.21 -1.53
N ARG A 388 -6.43 -17.46 -2.20
CA ARG A 388 -5.15 -16.88 -1.83
C ARG A 388 -4.40 -16.53 -3.11
N GLU A 389 -3.49 -15.56 -3.00
CA GLU A 389 -2.78 -15.09 -4.19
C GLU A 389 -1.84 -16.16 -4.74
N GLU A 390 -1.31 -17.02 -3.89
CA GLU A 390 -0.42 -18.08 -4.34
C GLU A 390 -1.13 -19.05 -5.28
N GLU A 391 -2.46 -19.15 -5.19
CA GLU A 391 -3.23 -20.12 -5.96
C GLU A 391 -3.68 -19.61 -7.32
N ILE A 392 -3.73 -18.30 -7.54
CA ILE A 392 -4.42 -17.78 -8.72
C ILE A 392 -3.73 -18.18 -10.02
N PHE A 393 -2.45 -18.51 -10.00
CA PHE A 393 -1.75 -18.99 -11.18
C PHE A 393 -1.11 -20.36 -10.94
N ASP A 394 -1.77 -21.19 -10.13
CA ASP A 394 -1.24 -22.50 -9.82
C ASP A 394 -1.78 -23.54 -10.81
N ALA A 395 -1.41 -24.80 -10.58
CA ALA A 395 -1.76 -25.87 -11.51
C ALA A 395 -3.27 -26.05 -11.65
N SER A 396 -4.03 -25.78 -10.58
CA SER A 396 -5.47 -25.90 -10.66
C SER A 396 -6.07 -24.89 -11.62
N ALA A 397 -5.60 -23.64 -11.56
CA ALA A 397 -6.16 -22.60 -12.42
C ALA A 397 -6.00 -22.93 -13.90
N TYR A 398 -4.90 -23.59 -14.27
CA TYR A 398 -4.66 -23.96 -15.66
C TYR A 398 -5.33 -25.28 -16.03
N PHE A 399 -4.96 -26.35 -15.34
CA PHE A 399 -5.31 -27.70 -15.79
C PHE A 399 -6.61 -28.21 -15.19
N ARG A 400 -6.92 -27.87 -13.94
CA ARG A 400 -8.21 -28.27 -13.41
C ARG A 400 -9.34 -27.47 -14.07
N GLY A 401 -9.06 -26.22 -14.44
CA GLY A 401 -10.05 -25.47 -15.20
C GLY A 401 -10.24 -26.01 -16.60
N ALA A 402 -9.14 -26.38 -17.26
CA ALA A 402 -9.23 -27.01 -18.58
C ALA A 402 -10.01 -28.31 -18.51
N LEU A 403 -9.68 -29.17 -17.55
CA LEU A 403 -10.40 -30.43 -17.39
C LEU A 403 -11.86 -30.20 -17.03
N ALA A 404 -12.16 -29.09 -16.34
CA ALA A 404 -13.56 -28.72 -16.12
C ALA A 404 -14.27 -28.51 -17.45
N LEU A 405 -13.66 -27.75 -18.37
CA LEU A 405 -14.24 -27.58 -19.70
C LEU A 405 -14.27 -28.89 -20.48
N HIS A 406 -13.29 -29.77 -20.25
CA HIS A 406 -13.31 -31.06 -20.93
C HIS A 406 -14.48 -31.90 -20.46
N ALA A 407 -14.78 -31.87 -19.16
CA ALA A 407 -15.94 -32.59 -18.64
C ALA A 407 -17.24 -32.05 -19.25
N LEU A 408 -17.36 -30.72 -19.34
CA LEU A 408 -18.55 -30.13 -19.93
C LEU A 408 -18.70 -30.49 -21.40
N ARG A 409 -17.61 -30.38 -22.16
CA ARG A 409 -17.66 -30.68 -23.59
C ARG A 409 -18.10 -32.12 -23.83
N LEU A 410 -17.53 -33.06 -23.08
CA LEU A 410 -17.86 -34.47 -23.29
C LEU A 410 -19.27 -34.79 -22.82
N LYS A 411 -19.87 -33.94 -21.99
CA LYS A 411 -21.23 -34.16 -21.53
C LYS A 411 -22.26 -33.71 -22.57
N VAL A 412 -22.00 -32.60 -23.26
CA VAL A 412 -22.99 -31.99 -24.14
C VAL A 412 -22.68 -32.16 -25.62
N GLY A 413 -21.48 -32.58 -25.97
CA GLY A 413 -21.13 -32.78 -27.37
C GLY A 413 -20.45 -31.57 -27.97
N ASP A 414 -19.66 -31.82 -29.02
CA ASP A 414 -18.86 -30.78 -29.63
C ASP A 414 -19.73 -29.67 -30.23
N ALA A 415 -20.89 -30.02 -30.76
CA ALA A 415 -21.77 -29.00 -31.32
C ALA A 415 -22.29 -28.08 -30.22
N ALA A 416 -22.89 -28.64 -29.18
CA ALA A 416 -23.37 -27.84 -28.06
C ALA A 416 -22.24 -27.08 -27.39
N PHE A 417 -21.07 -27.72 -27.24
CA PHE A 417 -19.94 -27.07 -26.57
C PHE A 417 -19.45 -25.87 -27.37
N GLY A 418 -19.33 -26.03 -28.69
CA GLY A 418 -18.93 -24.90 -29.52
C GLY A 418 -19.95 -23.78 -29.53
N GLN A 419 -21.24 -24.13 -29.46
CA GLN A 419 -22.26 -23.08 -29.39
C GLN A 419 -22.24 -22.41 -28.03
N PHE A 420 -21.83 -23.11 -26.97
CA PHE A 420 -21.73 -22.47 -25.67
C PHE A 420 -20.53 -21.53 -25.58
N LEU A 421 -19.42 -21.89 -26.21
CA LEU A 421 -18.26 -20.99 -26.19
C LEU A 421 -18.56 -19.70 -26.92
N HIS A 422 -19.23 -19.79 -28.07
CA HIS A 422 -19.72 -18.59 -28.75
C HIS A 422 -20.63 -17.77 -27.85
N SER A 423 -21.61 -18.43 -27.23
CA SER A 423 -22.53 -17.73 -26.33
C SER A 423 -21.79 -17.13 -25.14
N TYR A 424 -20.84 -17.88 -24.57
CA TYR A 424 -20.08 -17.39 -23.43
C TYR A 424 -19.35 -16.09 -23.76
N VAL A 425 -18.62 -16.08 -24.87
CA VAL A 425 -17.91 -14.87 -25.30
C VAL A 425 -18.88 -13.70 -25.46
N LYS A 426 -20.03 -13.95 -26.10
CA LYS A 426 -21.01 -12.89 -26.30
C LYS A 426 -21.66 -12.46 -24.99
N THR A 427 -21.98 -13.42 -24.11
CA THR A 427 -22.65 -13.08 -22.86
C THR A 427 -21.79 -12.18 -21.99
N PHE A 428 -20.47 -12.34 -22.04
CA PHE A 428 -19.57 -11.65 -21.13
C PHE A 428 -18.64 -10.70 -21.88
N THR A 429 -19.10 -10.20 -23.03
CA THR A 429 -18.49 -9.03 -23.67
C THR A 429 -19.17 -7.79 -23.12
N GLY A 430 -18.39 -6.92 -22.49
CA GLY A 430 -18.93 -5.75 -21.83
C GLY A 430 -19.36 -5.97 -20.40
N ARG A 431 -19.12 -7.17 -19.85
CA ARG A 431 -19.53 -7.52 -18.50
C ARG A 431 -18.54 -8.51 -17.89
N PRO A 432 -17.87 -8.14 -16.80
CA PRO A 432 -16.91 -9.06 -16.18
C PRO A 432 -17.57 -10.37 -15.78
N VAL A 433 -16.86 -11.47 -15.99
CA VAL A 433 -17.37 -12.81 -15.77
C VAL A 433 -17.00 -13.29 -14.38
N SER A 434 -17.83 -14.19 -13.85
CA SER A 434 -17.58 -14.81 -12.55
C SER A 434 -17.82 -16.31 -12.70
N THR A 435 -17.31 -17.06 -11.73
CA THR A 435 -17.59 -18.49 -11.72
C THR A 435 -19.07 -18.75 -11.56
N THR A 436 -19.72 -18.01 -10.65
CA THR A 436 -21.17 -18.11 -10.48
C THR A 436 -21.92 -17.83 -11.78
N ALA A 437 -21.54 -16.76 -12.49
CA ALA A 437 -22.20 -16.42 -13.75
C ALA A 437 -21.99 -17.49 -14.81
N LEU A 438 -20.83 -18.14 -14.81
CA LEU A 438 -20.58 -19.21 -15.76
C LEU A 438 -21.55 -20.38 -15.53
N LEU A 439 -21.63 -20.85 -14.29
CA LEU A 439 -22.53 -21.95 -13.96
C LEU A 439 -23.98 -21.62 -14.32
N THR A 440 -24.42 -20.39 -14.02
CA THR A 440 -25.78 -19.99 -14.35
C THR A 440 -26.00 -20.01 -15.86
N LEU A 441 -25.00 -19.56 -16.62
CA LEU A 441 -25.11 -19.60 -18.08
C LEU A 441 -25.16 -21.03 -18.59
N VAL A 442 -24.43 -21.94 -17.94
CA VAL A 442 -24.44 -23.35 -18.35
C VAL A 442 -25.81 -23.96 -18.08
N LYS A 443 -26.35 -23.76 -16.88
CA LYS A 443 -27.69 -24.25 -16.56
C LYS A 443 -28.72 -23.68 -17.52
N THR A 444 -28.69 -22.36 -17.69
CA THR A 444 -29.56 -21.67 -18.65
C THR A 444 -29.50 -22.33 -20.03
N GLN A 445 -28.32 -22.37 -20.62
CA GLN A 445 -28.18 -22.77 -22.03
C GLN A 445 -28.15 -24.29 -22.19
N LEU A 446 -27.33 -24.98 -21.39
CA LEU A 446 -27.08 -26.39 -21.60
C LEU A 446 -27.94 -27.32 -20.75
N GLY A 447 -28.42 -26.87 -19.61
CA GLY A 447 -29.29 -27.68 -18.78
C GLY A 447 -28.69 -28.00 -17.42
N ALA A 448 -29.55 -28.54 -16.56
CA ALA A 448 -29.16 -28.83 -15.18
C ALA A 448 -28.08 -29.90 -15.11
N GLU A 449 -28.16 -30.93 -15.96
CA GLU A 449 -27.17 -32.00 -15.95
C GLU A 449 -25.79 -31.46 -16.35
N ALA A 450 -25.76 -30.60 -17.37
CA ALA A 450 -24.49 -29.99 -17.79
C ALA A 450 -23.94 -29.09 -16.69
N GLU A 451 -24.82 -28.35 -15.99
CA GLU A 451 -24.36 -27.51 -14.90
C GLU A 451 -23.75 -28.33 -13.78
N GLN A 452 -24.40 -29.44 -13.40
CA GLN A 452 -23.88 -30.28 -12.33
C GLN A 452 -22.54 -30.91 -12.72
N THR A 453 -22.36 -31.24 -14.00
CA THR A 453 -21.07 -31.75 -14.46
C THR A 453 -19.97 -30.73 -14.25
N LEU A 454 -20.24 -29.47 -14.58
CA LEU A 454 -19.25 -28.42 -14.37
C LEU A 454 -19.02 -28.15 -12.88
N ARG A 455 -20.08 -28.25 -12.09
CA ARG A 455 -20.00 -27.85 -10.68
C ARG A 455 -19.08 -28.74 -9.86
N VAL A 456 -19.16 -30.06 -10.06
CA VAL A 456 -18.23 -30.98 -9.38
C VAL A 456 -16.77 -30.57 -9.64
N TRP A 457 -16.49 -30.09 -10.85
CA TRP A 457 -15.13 -29.62 -11.13
C TRP A 457 -14.88 -28.26 -10.49
N VAL A 458 -15.89 -27.40 -10.45
CA VAL A 458 -15.74 -26.10 -9.80
C VAL A 458 -15.57 -26.28 -8.29
N GLU A 459 -16.51 -26.98 -7.65
CA GLU A 459 -16.48 -27.22 -6.22
C GLU A 459 -15.70 -28.49 -5.89
N GLY A 460 -15.52 -28.75 -4.59
CA GLY A 460 -14.86 -29.97 -4.15
C GLY A 460 -13.36 -29.90 -4.12
N ARG A 461 -12.76 -30.16 -2.95
CA ARG A 461 -11.30 -30.08 -2.84
C ARG A 461 -10.59 -31.25 -3.53
N THR A 462 -11.20 -32.43 -3.53
CA THR A 462 -10.61 -33.58 -4.20
C THR A 462 -10.71 -33.44 -5.72
N LEU A 463 -9.71 -33.97 -6.41
CA LEU A 463 -9.70 -33.96 -7.87
C LEU A 463 -10.64 -35.05 -8.40
N PRO A 464 -11.62 -34.70 -9.21
CA PRO A 464 -12.55 -35.72 -9.75
C PRO A 464 -11.82 -36.63 -10.72
N PRO A 465 -12.41 -37.78 -11.05
CA PRO A 465 -11.79 -38.66 -12.06
C PRO A 465 -11.66 -37.96 -13.41
N LEU A 466 -10.77 -38.51 -14.23
CA LEU A 466 -10.48 -37.92 -15.53
C LEU A 466 -11.72 -37.98 -16.42
N PRO A 467 -12.14 -36.86 -17.01
CA PRO A 467 -13.30 -36.88 -17.90
C PRO A 467 -13.00 -37.71 -19.16
N GLU A 468 -13.84 -38.70 -19.40
CA GLU A 468 -13.62 -39.64 -20.50
C GLU A 468 -14.87 -39.78 -21.34
N PRO A 469 -14.72 -40.08 -22.64
CA PRO A 469 -15.89 -40.26 -23.50
C PRO A 469 -16.84 -41.30 -22.94
N VAL A 470 -18.13 -41.00 -23.04
CA VAL A 470 -19.19 -41.86 -22.52
C VAL A 470 -19.10 -43.25 -23.16
N GLY A 471 -19.36 -43.33 -24.46
CA GLY A 471 -19.33 -44.60 -25.17
C GLY A 471 -20.69 -45.26 -25.23
N GLN B 38 23.24 -0.86 8.28
CA GLN B 38 22.71 -1.86 9.20
C GLN B 38 21.66 -1.25 10.13
N SER B 39 22.04 -0.19 10.84
CA SER B 39 21.07 0.54 11.64
C SER B 39 20.19 1.39 10.74
N VAL B 40 19.18 2.03 11.35
CA VAL B 40 18.33 2.95 10.59
C VAL B 40 19.15 4.07 9.98
N GLY B 41 20.23 4.47 10.65
CA GLY B 41 21.04 5.57 10.17
C GLY B 41 20.53 6.93 10.56
N ASP B 42 19.87 7.03 11.71
CA ASP B 42 19.38 8.31 12.20
C ASP B 42 20.52 9.32 12.31
N SER B 43 20.26 10.56 11.88
CA SER B 43 21.29 11.58 11.91
C SER B 43 21.64 12.01 13.33
N ILE B 44 20.74 11.80 14.29
CA ILE B 44 20.98 12.20 15.68
C ILE B 44 21.43 11.02 16.52
N PHE B 45 20.77 9.86 16.39
CA PHE B 45 21.09 8.65 17.14
C PHE B 45 21.47 7.58 16.13
N PRO B 46 22.72 7.56 15.68
CA PRO B 46 23.07 6.76 14.48
C PRO B 46 23.11 5.25 14.71
N SER B 47 22.83 4.75 15.91
CA SER B 47 22.91 3.33 16.17
C SER B 47 21.56 2.65 16.36
N LEU B 48 20.47 3.40 16.48
CA LEU B 48 19.18 2.82 16.77
C LEU B 48 18.59 2.13 15.54
N GLY B 49 17.75 1.13 15.80
CA GLY B 49 16.98 0.49 14.75
C GLY B 49 17.82 -0.36 13.81
N GLN B 50 17.11 -1.01 12.89
CA GLN B 50 17.73 -1.82 11.85
C GLN B 50 17.16 -1.40 10.50
N ARG B 51 18.05 -1.12 9.55
CA ARG B 51 17.61 -0.71 8.22
C ARG B 51 16.79 -1.82 7.57
N GLY B 52 15.67 -1.43 6.96
CA GLY B 52 14.83 -2.36 6.24
C GLY B 52 13.88 -3.17 7.10
N LEU B 53 14.08 -3.20 8.42
CA LEU B 53 13.16 -3.92 9.28
C LEU B 53 11.83 -3.18 9.35
N ASP B 54 10.73 -3.94 9.31
CA ASP B 54 9.39 -3.39 9.41
C ASP B 54 8.63 -4.24 10.43
N VAL B 55 8.70 -3.86 11.70
CA VAL B 55 7.84 -4.48 12.70
C VAL B 55 6.41 -4.03 12.45
N GLN B 56 5.48 -4.97 12.43
CA GLN B 56 4.09 -4.67 12.17
C GLN B 56 3.20 -4.81 13.38
N HIS B 57 3.57 -5.68 14.33
CA HIS B 57 2.80 -5.88 15.54
C HIS B 57 3.73 -6.36 16.65
N TYR B 58 3.61 -5.75 17.83
CA TYR B 58 4.22 -6.28 19.05
C TYR B 58 3.14 -6.96 19.87
N ASP B 59 3.34 -8.24 20.17
CA ASP B 59 2.47 -8.98 21.07
C ASP B 59 3.28 -9.25 22.34
N LEU B 60 3.16 -8.34 23.30
CA LEU B 60 3.98 -8.33 24.50
C LEU B 60 3.18 -8.79 25.70
N HIS B 61 3.80 -9.65 26.52
CA HIS B 61 3.27 -10.01 27.84
C HIS B 61 4.31 -9.56 28.85
N LEU B 62 4.03 -8.46 29.53
CA LEU B 62 4.94 -7.90 30.54
C LEU B 62 4.41 -8.21 31.93
N THR B 63 5.33 -8.62 32.82
CA THR B 63 5.01 -8.91 34.20
C THR B 63 5.81 -7.97 35.09
N VAL B 64 5.12 -7.11 35.83
CA VAL B 64 5.76 -6.15 36.72
C VAL B 64 5.52 -6.59 38.15
N PRO B 65 6.50 -7.22 38.80
CA PRO B 65 6.23 -7.82 40.12
C PRO B 65 5.98 -6.81 41.22
N ARG B 66 6.71 -5.69 41.23
CA ARG B 66 6.57 -4.67 42.26
C ARG B 66 6.53 -3.31 41.60
N PRO B 67 5.34 -2.77 41.34
CA PRO B 67 5.22 -1.43 40.76
C PRO B 67 5.95 -0.39 41.61
N GLY B 68 6.72 0.46 40.95
CA GLY B 68 7.59 1.40 41.61
C GLY B 68 9.05 1.02 41.62
N GLU B 69 9.38 -0.23 41.29
CA GLU B 69 10.74 -0.70 41.18
C GLU B 69 11.00 -1.26 39.79
N PRO B 70 12.21 -1.08 39.25
CA PRO B 70 12.40 -1.26 37.80
C PRO B 70 12.36 -2.70 37.31
N HIS B 71 12.53 -3.71 38.17
CA HIS B 71 12.60 -5.07 37.67
C HIS B 71 11.32 -5.49 36.97
N LEU B 72 11.48 -6.33 35.94
CA LEU B 72 10.35 -6.88 35.20
C LEU B 72 10.85 -8.05 34.37
N SER B 73 9.89 -8.80 33.83
CA SER B 73 10.15 -9.89 32.89
C SER B 73 9.20 -9.72 31.71
N GLY B 74 9.62 -10.21 30.55
CA GLY B 74 8.89 -9.96 29.33
C GLY B 74 8.80 -11.18 28.45
N ASP B 75 7.70 -11.25 27.70
CA ASP B 75 7.47 -12.31 26.71
C ASP B 75 6.79 -11.63 25.53
N VAL B 76 7.56 -11.36 24.48
CA VAL B 76 7.07 -10.59 23.33
C VAL B 76 7.25 -11.43 22.08
N THR B 77 6.27 -11.33 21.18
CA THR B 77 6.35 -11.92 19.85
C THR B 77 6.17 -10.81 18.83
N LEU B 78 7.19 -10.57 18.02
CA LEU B 78 7.17 -9.55 16.98
C LEU B 78 6.80 -10.19 15.65
N THR B 79 5.79 -9.62 14.99
CA THR B 79 5.53 -9.92 13.59
C THR B 79 6.28 -8.88 12.76
N VAL B 80 7.31 -9.32 12.04
CA VAL B 80 8.19 -8.41 11.32
C VAL B 80 8.11 -8.70 9.83
N GLY B 81 8.19 -7.63 9.04
CA GLY B 81 8.36 -7.74 7.61
C GLY B 81 9.68 -7.11 7.24
N ALA B 82 9.95 -6.94 5.95
CA ALA B 82 11.23 -6.38 5.53
C ALA B 82 11.04 -5.61 4.23
N ARG B 83 11.79 -4.52 4.11
CA ARG B 83 11.85 -3.75 2.87
C ARG B 83 13.08 -4.09 2.04
N GLU B 84 14.04 -4.79 2.63
CA GLU B 84 15.19 -5.37 1.96
C GLU B 84 15.45 -6.72 2.60
N PRO B 85 16.13 -7.63 1.92
CA PRO B 85 16.40 -8.94 2.51
C PRO B 85 17.20 -8.82 3.80
N LEU B 86 16.74 -9.51 4.84
CA LEU B 86 17.39 -9.49 6.14
C LEU B 86 17.76 -10.91 6.52
N SER B 87 19.06 -11.18 6.66
CA SER B 87 19.52 -12.45 7.18
C SER B 87 19.40 -12.52 8.70
N ARG B 88 19.28 -11.37 9.36
CA ARG B 88 19.23 -11.29 10.81
C ARG B 88 18.24 -10.19 11.22
N ILE B 89 17.59 -10.41 12.35
CA ILE B 89 16.76 -9.40 12.99
C ILE B 89 17.54 -8.80 14.15
N VAL B 90 17.81 -7.50 14.10
CA VAL B 90 18.58 -6.79 15.11
C VAL B 90 17.64 -5.83 15.83
N LEU B 91 17.44 -6.07 17.12
CA LEU B 91 16.51 -5.29 17.93
C LEU B 91 17.26 -4.50 18.98
N ASP B 92 16.69 -3.35 19.35
CA ASP B 92 17.21 -2.55 20.46
C ASP B 92 16.70 -3.11 21.77
N LEU B 93 17.62 -3.27 22.73
CA LEU B 93 17.26 -3.69 24.08
C LEU B 93 18.34 -3.19 25.03
N LEU B 94 17.93 -2.54 26.13
CA LEU B 94 18.87 -1.85 27.01
C LEU B 94 18.48 -2.17 28.46
N GLY B 95 19.11 -3.21 29.01
CA GLY B 95 18.91 -3.55 30.40
C GLY B 95 18.59 -5.02 30.61
N PRO B 96 17.38 -5.42 30.24
CA PRO B 96 16.98 -6.82 30.45
C PRO B 96 17.84 -7.77 29.62
N ARG B 97 17.84 -9.04 30.03
CA ARG B 97 18.62 -10.08 29.39
C ARG B 97 17.69 -11.08 28.72
N VAL B 98 17.94 -11.36 27.44
CA VAL B 98 17.20 -12.39 26.73
C VAL B 98 17.61 -13.75 27.27
N SER B 99 16.62 -14.61 27.53
CA SER B 99 16.87 -15.96 27.99
C SER B 99 16.48 -17.03 26.98
N ALA B 100 15.60 -16.72 26.03
CA ALA B 100 15.20 -17.67 25.01
C ALA B 100 14.69 -16.89 23.81
N ALA B 101 14.88 -17.48 22.63
CA ALA B 101 14.43 -16.85 21.39
C ALA B 101 13.98 -17.93 20.43
N GLN B 102 12.87 -17.67 19.74
CA GLN B 102 12.44 -18.56 18.68
C GLN B 102 11.87 -17.76 17.52
N TRP B 103 11.93 -18.37 16.34
CA TRP B 103 11.54 -17.74 15.08
C TRP B 103 10.57 -18.66 14.38
N ASN B 104 9.33 -18.18 14.18
CA ASN B 104 8.25 -18.98 13.60
C ASN B 104 8.05 -20.28 14.38
N GLY B 105 8.25 -20.22 15.71
CA GLY B 105 8.07 -21.37 16.57
C GLY B 105 9.27 -22.28 16.69
N GLN B 106 10.36 -22.01 16.01
CA GLN B 106 11.56 -22.83 16.10
C GLN B 106 12.61 -22.07 16.89
N ARG B 107 13.39 -22.80 17.68
CA ARG B 107 14.45 -22.13 18.43
C ARG B 107 15.53 -21.71 17.44
N VAL B 108 16.13 -20.56 17.70
CA VAL B 108 16.97 -19.90 16.71
C VAL B 108 18.21 -19.33 17.39
N ARG B 109 19.26 -19.13 16.60
CA ARG B 109 20.50 -18.60 17.11
C ARG B 109 20.41 -17.10 17.34
N TRP B 110 20.88 -16.66 18.50
CA TRP B 110 20.79 -15.25 18.87
C TRP B 110 21.95 -14.91 19.79
N VAL B 111 22.31 -13.62 19.81
CA VAL B 111 23.36 -13.11 20.68
C VAL B 111 22.96 -11.71 21.13
N GLN B 112 23.17 -11.43 22.42
CA GLN B 112 22.87 -10.13 23.01
C GLN B 112 24.16 -9.37 23.22
N THR B 113 24.29 -8.22 22.56
CA THR B 113 25.49 -7.38 22.69
C THR B 113 25.05 -6.02 23.22
N ALA B 114 25.24 -5.84 24.53
CA ALA B 114 25.04 -4.56 25.23
C ALA B 114 23.68 -3.92 24.96
N GLN B 115 23.52 -3.31 23.79
CA GLN B 115 22.29 -2.58 23.46
C GLN B 115 21.54 -3.18 22.27
N LYS B 116 21.95 -4.35 21.78
CA LYS B 116 21.30 -4.97 20.65
C LYS B 116 21.07 -6.45 20.91
N VAL B 117 19.96 -6.95 20.40
CA VAL B 117 19.70 -8.39 20.29
C VAL B 117 19.72 -8.73 18.80
N GLU B 118 20.70 -9.52 18.38
CA GLU B 118 20.83 -9.90 16.99
C GLU B 118 20.45 -11.37 16.83
N VAL B 119 19.48 -11.63 15.95
CA VAL B 119 18.87 -12.94 15.78
C VAL B 119 19.15 -13.41 14.37
N THR B 120 19.94 -14.48 14.24
CA THR B 120 20.28 -15.05 12.93
C THR B 120 19.13 -15.92 12.43
N LEU B 121 18.56 -15.57 11.23
CA LEU B 121 17.43 -16.34 10.73
C LEU B 121 17.92 -17.57 9.96
N PRO B 122 17.12 -18.65 9.95
CA PRO B 122 17.52 -19.83 9.16
C PRO B 122 17.64 -19.55 7.68
N ARG B 123 16.85 -18.62 7.16
CA ARG B 123 16.95 -18.12 5.80
C ARG B 123 16.52 -16.67 5.81
N PRO B 124 16.97 -15.87 4.84
CA PRO B 124 16.68 -14.43 4.89
C PRO B 124 15.18 -14.13 4.85
N LEU B 125 14.79 -13.10 5.59
CA LEU B 125 13.44 -12.56 5.51
C LEU B 125 13.37 -11.60 4.33
N ARG B 126 12.49 -11.89 3.38
CA ARG B 126 12.47 -11.11 2.15
C ARG B 126 11.18 -10.31 2.02
N PRO B 127 11.23 -9.17 1.33
CA PRO B 127 10.04 -8.30 1.26
C PRO B 127 8.80 -9.04 0.77
N GLY B 128 7.67 -8.74 1.41
CA GLY B 128 6.44 -9.45 1.20
C GLY B 128 6.20 -10.59 2.18
N GLU B 129 7.26 -11.11 2.79
CA GLU B 129 7.13 -12.17 3.78
C GLU B 129 7.07 -11.58 5.18
N THR B 130 6.51 -12.36 6.10
CA THR B 130 6.50 -12.02 7.51
C THR B 130 6.95 -13.21 8.33
N GLY B 131 7.54 -12.93 9.49
CA GLY B 131 7.88 -13.97 10.44
C GLY B 131 7.58 -13.50 11.84
N ARG B 132 7.55 -14.46 12.76
CA ARG B 132 7.24 -14.19 14.16
C ARG B 132 8.50 -14.44 14.99
N LEU B 133 9.05 -13.38 15.55
CA LEU B 133 10.19 -13.46 16.45
C LEU B 133 9.69 -13.34 17.88
N ARG B 134 9.95 -14.37 18.68
CA ARG B 134 9.55 -14.39 20.08
C ARG B 134 10.78 -14.36 20.97
N LEU B 135 10.74 -13.51 22.00
CA LEU B 135 11.86 -13.32 22.90
C LEU B 135 11.37 -13.41 24.34
N ILE B 136 12.09 -14.15 25.18
CA ILE B 136 11.83 -14.22 26.61
C ILE B 136 12.97 -13.48 27.30
N TYR B 137 12.62 -12.54 28.18
CA TYR B 137 13.64 -11.69 28.77
C TYR B 137 13.19 -11.22 30.15
N ALA B 138 14.16 -10.78 30.94
CA ALA B 138 13.93 -10.30 32.29
C ALA B 138 15.13 -9.48 32.71
N GLY B 139 14.91 -8.60 33.68
CA GLY B 139 15.99 -7.79 34.22
C GLY B 139 15.50 -6.39 34.53
N THR B 140 16.45 -5.47 34.55
CA THR B 140 16.19 -4.09 34.96
C THR B 140 16.39 -3.14 33.79
N PRO B 141 15.34 -2.44 33.33
CA PRO B 141 15.53 -1.43 32.30
C PRO B 141 16.48 -0.32 32.75
N GLU B 142 17.26 0.19 31.80
CA GLU B 142 18.20 1.28 32.04
C GLU B 142 17.73 2.52 31.31
N LEU B 143 17.81 3.67 31.98
CA LEU B 143 17.40 4.93 31.39
C LEU B 143 18.46 5.45 30.42
N SER B 144 18.00 6.08 29.34
CA SER B 144 18.87 6.68 28.36
C SER B 144 18.91 8.20 28.57
N GLY B 145 19.51 8.90 27.63
CA GLY B 145 19.55 10.34 27.63
C GLY B 145 20.95 10.89 27.82
N ASP B 146 21.13 12.13 27.40
CA ASP B 146 22.41 12.83 27.50
C ASP B 146 22.23 14.19 28.18
N PRO B 147 23.27 15.03 28.21
CA PRO B 147 23.13 16.37 28.81
C PRO B 147 22.34 17.32 27.93
N GLY B 148 21.63 16.78 26.94
CA GLY B 148 20.92 17.59 25.97
C GLY B 148 19.45 17.27 25.80
N LEU B 149 18.94 16.31 26.59
CA LEU B 149 17.55 15.92 26.48
C LEU B 149 16.74 16.40 27.67
N PRO B 150 15.47 16.76 27.46
CA PRO B 150 14.65 17.28 28.57
C PRO B 150 14.27 16.22 29.59
N ILE B 151 14.36 14.93 29.26
CA ILE B 151 14.11 13.86 30.21
C ILE B 151 15.18 12.79 30.04
N ARG B 152 15.25 11.90 31.03
CA ARG B 152 15.95 10.63 30.86
C ARG B 152 14.91 9.60 30.41
N PRO B 153 14.86 9.28 29.12
CA PRO B 153 13.74 8.48 28.60
C PRO B 153 13.87 7.00 28.93
N GLY B 154 12.74 6.38 29.23
CA GLY B 154 12.69 4.94 29.43
C GLY B 154 11.69 4.59 30.52
N TRP B 155 11.89 3.40 31.08
CA TRP B 155 11.01 2.86 32.11
C TRP B 155 11.19 3.64 33.40
N GLN B 156 10.18 4.41 33.78
CA GLN B 156 10.24 5.27 34.96
C GLN B 156 9.69 4.53 36.16
N ASN B 157 10.29 4.79 37.33
CA ASN B 157 9.89 4.12 38.57
C ASN B 157 9.95 5.14 39.70
N GLU B 158 8.78 5.52 40.23
CA GLU B 158 8.72 6.49 41.31
C GLU B 158 7.35 6.42 41.98
N ALA B 159 7.36 6.43 43.31
CA ALA B 159 6.14 6.55 44.13
C ALA B 159 5.14 5.45 43.84
N GLY B 160 5.61 4.20 43.93
CA GLY B 160 4.75 3.05 43.70
C GLY B 160 4.22 2.92 42.29
N LEU B 161 4.74 3.70 41.36
CA LEU B 161 4.31 3.65 39.97
C LEU B 161 5.48 3.29 39.08
N SER B 162 5.21 2.48 38.06
CA SER B 162 6.14 2.27 36.97
C SER B 162 5.41 2.56 35.67
N TYR B 163 6.08 3.27 34.77
CA TYR B 163 5.43 3.74 33.56
C TYR B 163 6.49 4.05 32.51
N SER B 164 6.07 4.00 31.25
CA SER B 164 6.95 4.30 30.13
C SER B 164 6.84 5.77 29.78
N LEU B 165 7.98 6.44 29.69
CA LEU B 165 8.10 7.82 29.21
C LEU B 165 9.39 7.85 28.39
N SER B 166 9.29 7.44 27.13
CA SER B 166 10.44 6.92 26.41
C SER B 166 10.75 7.67 25.11
N GLU B 167 10.33 8.91 24.97
CA GLU B 167 10.78 9.66 23.81
C GLU B 167 12.14 10.29 24.10
N PRO B 168 13.13 10.12 23.20
CA PRO B 168 13.01 9.44 21.92
C PRO B 168 13.32 7.92 21.91
N HIS B 169 14.33 7.49 22.65
CA HIS B 169 14.88 6.13 22.49
C HIS B 169 14.91 5.39 23.82
N GLY B 170 13.79 5.42 24.53
CA GLY B 170 13.72 4.76 25.82
C GLY B 170 12.96 3.44 25.85
N THR B 171 12.09 3.21 24.85
CA THR B 171 11.28 1.99 24.84
C THR B 171 12.16 0.74 24.85
N ARG B 172 13.33 0.81 24.24
CA ARG B 172 14.26 -0.32 24.23
C ARG B 172 14.64 -0.75 25.64
N GLY B 173 14.39 0.08 26.65
CA GLY B 173 14.74 -0.28 28.00
C GLY B 173 13.92 -1.43 28.54
N PHE B 174 12.63 -1.48 28.19
CA PHE B 174 11.74 -2.52 28.69
C PHE B 174 11.13 -3.38 27.60
N LEU B 175 11.45 -3.13 26.33
CA LEU B 175 10.84 -3.87 25.24
C LEU B 175 11.84 -4.04 24.09
N PRO B 176 12.15 -5.28 23.70
CA PRO B 176 12.97 -5.48 22.50
C PRO B 176 12.25 -4.97 21.26
N CYS B 177 12.85 -3.97 20.61
CA CYS B 177 12.09 -3.14 19.69
C CYS B 177 13.03 -2.58 18.63
N ASN B 178 12.47 -2.36 17.44
CA ASN B 178 13.03 -1.45 16.44
C ASN B 178 12.73 -0.03 16.90
N ASP B 179 13.65 0.56 17.67
CA ASP B 179 13.35 1.76 18.44
C ASP B 179 13.63 3.03 17.63
N HIS B 180 12.79 3.23 16.62
CA HIS B 180 12.91 4.42 15.78
C HIS B 180 11.51 4.77 15.24
N PRO B 181 11.17 6.06 15.19
CA PRO B 181 9.80 6.43 14.80
C PRO B 181 9.46 6.17 13.34
N SER B 182 10.44 5.84 12.49
CA SER B 182 10.11 5.53 11.10
C SER B 182 9.54 4.13 10.95
N ASP B 183 9.47 3.35 12.03
CA ASP B 183 8.91 2.01 12.03
C ASP B 183 7.83 1.91 13.11
N PRO B 184 6.66 2.50 12.88
CA PRO B 184 5.55 2.30 13.82
C PRO B 184 4.96 0.91 13.66
N ALA B 185 4.24 0.48 14.69
CA ALA B 185 3.62 -0.84 14.69
C ALA B 185 2.40 -0.83 15.59
N THR B 186 1.57 -1.86 15.44
CA THR B 186 0.49 -2.07 16.38
C THR B 186 0.99 -2.83 17.59
N PHE B 187 0.23 -2.75 18.68
CA PHE B 187 0.65 -3.32 19.95
C PHE B 187 -0.50 -4.07 20.59
N THR B 188 -0.19 -5.23 21.16
CA THR B 188 -1.06 -5.91 22.12
C THR B 188 -0.25 -6.14 23.37
N VAL B 189 -0.74 -5.64 24.50
CA VAL B 189 0.01 -5.65 25.75
C VAL B 189 -0.81 -6.41 26.78
N ARG B 190 -0.21 -7.46 27.35
CA ARG B 190 -0.76 -8.14 28.51
C ARG B 190 0.14 -7.81 29.70
N VAL B 191 -0.42 -7.15 30.70
CA VAL B 191 0.34 -6.71 31.87
C VAL B 191 -0.11 -7.53 33.07
N THR B 192 0.84 -8.23 33.69
CA THR B 192 0.58 -9.00 34.89
C THR B 192 1.09 -8.22 36.09
N VAL B 193 0.20 -7.96 37.04
CA VAL B 193 0.48 -7.08 38.17
C VAL B 193 -0.08 -7.71 39.43
N PRO B 194 0.43 -7.32 40.60
CA PRO B 194 -0.20 -7.76 41.85
C PRO B 194 -1.66 -7.33 41.90
N ALA B 195 -2.45 -8.11 42.64
CA ALA B 195 -3.87 -7.81 42.76
C ALA B 195 -4.10 -6.43 43.34
N SER B 196 -3.20 -5.98 44.23
CA SER B 196 -3.32 -4.66 44.83
C SER B 196 -3.15 -3.52 43.83
N ALA B 197 -2.55 -3.79 42.67
CA ALA B 197 -2.25 -2.76 41.69
C ALA B 197 -3.20 -2.84 40.51
N SER B 198 -3.00 -1.93 39.56
CA SER B 198 -3.74 -1.90 38.31
C SER B 198 -2.77 -1.60 37.19
N ALA B 199 -3.28 -1.47 35.97
CA ALA B 199 -2.42 -1.20 34.83
C ALA B 199 -3.22 -0.56 33.72
N ALA B 200 -2.54 0.25 32.92
CA ALA B 200 -3.15 0.85 31.73
C ALA B 200 -2.08 0.95 30.65
N ALA B 201 -2.44 0.56 29.44
CA ALA B 201 -1.56 0.70 28.28
C ALA B 201 -2.35 1.32 27.14
N SER B 202 -1.62 1.82 26.15
CA SER B 202 -2.27 2.34 24.94
C SER B 202 -3.11 1.24 24.30
N GLY B 203 -4.28 1.62 23.82
CA GLY B 203 -5.18 0.67 23.20
C GLY B 203 -6.40 0.40 24.07
N LEU B 204 -7.38 -0.23 23.44
CA LEU B 204 -8.65 -0.53 24.11
C LEU B 204 -8.46 -1.63 25.14
N PHE B 205 -8.97 -1.39 26.34
CA PHE B 205 -8.91 -2.39 27.40
C PHE B 205 -9.95 -3.47 27.11
N THR B 206 -9.50 -4.71 27.00
CA THR B 206 -10.38 -5.84 26.66
C THR B 206 -10.60 -6.73 27.87
N THR B 207 -9.59 -7.44 28.34
CA THR B 207 -9.75 -8.51 29.31
C THR B 207 -9.01 -8.19 30.59
N GLN B 208 -9.52 -8.71 31.70
CA GLN B 208 -8.80 -8.73 32.97
C GLN B 208 -9.09 -10.05 33.66
N THR B 209 -8.03 -10.78 33.99
CA THR B 209 -8.13 -12.05 34.70
C THR B 209 -7.28 -12.00 35.96
N GLU B 210 -7.60 -12.87 36.92
CA GLU B 210 -6.97 -12.85 38.22
C GLU B 210 -6.75 -14.26 38.73
N ARG B 211 -5.51 -14.57 39.09
CA ARG B 211 -5.16 -15.87 39.65
C ARG B 211 -3.88 -15.73 40.46
N ASN B 212 -3.81 -16.48 41.56
CA ASN B 212 -2.64 -16.51 42.45
C ASN B 212 -2.26 -15.11 42.95
N GLY B 213 -3.25 -14.25 43.16
CA GLY B 213 -2.95 -12.89 43.58
C GLY B 213 -2.38 -12.02 42.49
N LEU B 214 -2.52 -12.44 41.23
CA LEU B 214 -2.00 -11.71 40.07
C LEU B 214 -3.16 -11.32 39.18
N LYS B 215 -3.14 -10.07 38.72
CA LYS B 215 -4.09 -9.59 37.73
C LYS B 215 -3.39 -9.44 36.38
N THR B 216 -4.09 -9.80 35.31
CA THR B 216 -3.58 -9.65 33.95
C THR B 216 -4.57 -8.81 33.15
N LEU B 217 -4.08 -7.70 32.60
CA LEU B 217 -4.90 -6.80 31.81
C LEU B 217 -4.35 -6.76 30.39
N THR B 218 -5.26 -6.73 29.41
CA THR B 218 -4.88 -6.76 28.00
C THR B 218 -5.41 -5.52 27.30
N PHE B 219 -4.55 -4.88 26.52
CA PHE B 219 -4.88 -3.68 25.75
C PHE B 219 -4.47 -3.90 24.32
N THR B 220 -5.27 -3.39 23.38
CA THR B 220 -5.07 -3.61 21.95
C THR B 220 -4.95 -2.26 21.26
N GLN B 221 -3.74 -1.90 20.85
CA GLN B 221 -3.49 -0.70 20.07
C GLN B 221 -3.55 -1.08 18.60
N ARG B 222 -4.66 -0.77 17.94
CA ARG B 222 -4.95 -1.29 16.61
C ARG B 222 -4.60 -0.32 15.49
N VAL B 223 -4.03 0.84 15.79
CA VAL B 223 -3.49 1.71 14.75
C VAL B 223 -2.00 1.91 15.01
N PRO B 224 -1.15 1.87 13.97
CA PRO B 224 0.30 1.81 14.22
C PRO B 224 0.83 3.14 14.75
N VAL B 225 1.68 3.05 15.76
CA VAL B 225 2.30 4.21 16.39
C VAL B 225 3.74 3.88 16.73
N PRO B 226 4.59 4.91 16.86
CA PRO B 226 6.00 4.65 17.22
C PRO B 226 6.14 3.96 18.56
N THR B 227 7.33 3.36 18.76
CA THR B 227 7.61 2.65 20.01
C THR B 227 7.44 3.55 21.22
N TYR B 228 7.96 4.78 21.17
CA TYR B 228 7.83 5.68 22.30
C TYR B 228 6.38 6.11 22.54
N ALA B 229 5.53 6.04 21.51
CA ALA B 229 4.12 6.35 21.68
C ALA B 229 3.35 5.27 22.42
N LEU B 230 4.00 4.17 22.80
CA LEU B 230 3.32 3.09 23.51
C LEU B 230 3.16 3.46 24.97
N GLY B 231 1.91 3.68 25.38
CA GLY B 231 1.62 3.94 26.78
C GLY B 231 1.61 2.65 27.59
N LEU B 232 2.17 2.73 28.79
CA LEU B 232 2.21 1.58 29.70
C LEU B 232 2.47 2.13 31.10
N ILE B 233 1.50 1.94 32.00
CA ILE B 233 1.59 2.42 33.37
C ILE B 233 1.06 1.33 34.29
N VAL B 234 1.76 1.10 35.40
CA VAL B 234 1.35 0.12 36.40
C VAL B 234 1.46 0.74 37.78
N GLY B 235 0.54 0.37 38.66
CA GLY B 235 0.48 0.94 39.99
C GLY B 235 -0.94 1.18 40.44
N PRO B 236 -1.11 1.94 41.53
CA PRO B 236 -2.46 2.26 42.00
C PRO B 236 -3.11 3.31 41.12
N LEU B 237 -4.03 2.90 40.25
CA LEU B 237 -4.65 3.81 39.30
C LEU B 237 -6.09 3.41 39.09
N GLU B 238 -6.87 4.37 38.61
CA GLU B 238 -8.32 4.23 38.47
C GLU B 238 -8.73 4.59 37.06
N ARG B 239 -9.62 3.80 36.49
CA ARG B 239 -10.10 3.97 35.12
C ARG B 239 -11.44 4.68 35.14
N ARG B 240 -11.56 5.76 34.35
CA ARG B 240 -12.75 6.59 34.34
C ARG B 240 -13.24 6.77 32.91
N THR B 241 -14.39 6.19 32.59
CA THR B 241 -14.97 6.33 31.26
C THR B 241 -15.76 7.62 31.15
N ALA B 242 -15.85 8.14 29.93
CA ALA B 242 -16.65 9.29 29.57
C ALA B 242 -17.50 8.95 28.36
N PRO B 243 -18.56 9.74 28.08
CA PRO B 243 -19.41 9.44 26.93
C PRO B 243 -18.64 9.51 25.61
N ASP B 244 -19.10 8.72 24.64
CA ASP B 244 -18.49 8.70 23.32
C ASP B 244 -18.53 10.07 22.66
N VAL B 245 -17.51 10.33 21.84
CA VAL B 245 -17.40 11.56 21.07
C VAL B 245 -17.68 11.23 19.61
N GLN B 246 -18.65 11.91 19.02
CA GLN B 246 -19.02 11.71 17.63
C GLN B 246 -18.37 12.79 16.77
N LEU B 247 -17.50 12.38 15.86
CA LEU B 247 -16.88 13.27 14.89
C LEU B 247 -17.42 12.92 13.51
N GLY B 248 -18.70 13.23 13.30
CA GLY B 248 -19.41 12.77 12.14
C GLY B 248 -19.61 11.27 12.17
N THR B 249 -19.14 10.58 11.13
CA THR B 249 -19.24 9.13 11.09
C THR B 249 -18.40 8.45 12.16
N GLN B 250 -17.23 9.02 12.45
CA GLN B 250 -16.29 8.36 13.35
C GLN B 250 -16.72 8.44 14.81
N THR B 251 -16.58 7.33 15.52
CA THR B 251 -16.79 7.27 16.96
C THR B 251 -15.45 7.18 17.65
N VAL B 252 -15.25 8.01 18.68
CA VAL B 252 -14.02 8.04 19.47
C VAL B 252 -14.42 7.81 20.92
N HIS B 253 -13.96 6.70 21.50
CA HIS B 253 -14.27 6.41 22.89
C HIS B 253 -13.47 7.32 23.82
N ARG B 254 -13.96 7.45 25.06
CA ARG B 254 -13.38 8.36 26.02
C ARG B 254 -13.16 7.67 27.36
N ARG B 255 -11.91 7.71 27.83
CA ARG B 255 -11.57 7.19 29.15
C ARG B 255 -10.29 7.89 29.60
N ASP B 256 -10.25 8.27 30.87
CA ASP B 256 -9.05 8.81 31.48
C ASP B 256 -8.61 7.89 32.61
N ILE B 257 -7.32 7.96 32.95
CA ILE B 257 -6.78 7.24 34.10
C ILE B 257 -6.39 8.24 35.17
N TYR B 258 -6.76 7.94 36.42
CA TYR B 258 -6.41 8.75 37.57
C TYR B 258 -5.64 7.89 38.55
N ALA B 259 -4.33 8.11 38.64
CA ALA B 259 -3.55 7.45 39.66
C ALA B 259 -3.92 8.00 41.03
N ALA B 260 -3.58 7.24 42.07
CA ALA B 260 -3.86 7.67 43.44
C ALA B 260 -2.94 8.81 43.84
N GLY B 261 -3.42 9.63 44.77
CA GLY B 261 -2.59 10.66 45.36
C GLY B 261 -2.33 11.86 44.48
N LEU B 262 -3.26 12.20 43.59
CA LEU B 262 -3.09 13.37 42.75
C LEU B 262 -3.27 14.65 43.57
N PRO B 263 -2.59 15.73 43.20
CA PRO B 263 -2.82 17.01 43.88
C PRO B 263 -4.27 17.46 43.73
N ALA B 264 -4.71 18.29 44.67
CA ALA B 264 -6.05 18.84 44.61
C ALA B 264 -6.23 19.66 43.34
N GLY B 265 -7.34 19.45 42.66
CA GLY B 265 -7.60 20.17 41.43
C GLY B 265 -6.92 19.62 40.20
N THR B 266 -6.57 18.33 40.21
CA THR B 266 -6.01 17.67 39.02
C THR B 266 -7.17 16.99 38.31
N THR B 267 -7.72 17.66 37.29
CA THR B 267 -8.95 17.20 36.66
C THR B 267 -8.84 17.28 35.15
N VAL B 268 -9.80 16.63 34.50
CA VAL B 268 -10.14 16.90 33.10
C VAL B 268 -11.49 17.60 33.13
N PRO B 269 -11.53 18.92 32.94
CA PRO B 269 -12.82 19.63 33.00
C PRO B 269 -13.81 19.06 31.99
N GLU B 270 -15.07 18.94 32.42
CA GLU B 270 -16.10 18.31 31.61
C GLU B 270 -16.25 19.01 30.26
N GLY B 271 -16.37 18.20 29.21
CA GLY B 271 -16.64 18.68 27.86
C GLY B 271 -15.44 19.22 27.10
N GLU B 272 -14.29 19.38 27.74
CA GLU B 272 -13.16 20.01 27.05
C GLU B 272 -12.59 19.08 25.98
N THR B 273 -12.43 17.79 26.28
CA THR B 273 -11.81 16.87 25.33
C THR B 273 -12.65 16.71 24.07
N ALA B 274 -13.98 16.77 24.20
CA ALA B 274 -14.84 16.68 23.01
C ALA B 274 -14.66 17.90 22.11
N ARG B 275 -14.60 19.10 22.69
CA ARG B 275 -14.40 20.31 21.89
C ARG B 275 -13.02 20.30 21.23
N MET B 276 -11.99 19.85 21.97
CA MET B 276 -10.67 19.74 21.40
C MET B 276 -10.64 18.78 20.23
N LEU B 277 -11.33 17.64 20.35
CA LEU B 277 -11.36 16.67 19.27
C LEU B 277 -12.01 17.24 18.02
N ARG B 278 -13.17 17.89 18.17
CA ARG B 278 -13.85 18.47 17.03
C ARG B 278 -13.00 19.55 16.36
N VAL B 279 -12.41 20.43 17.16
CA VAL B 279 -11.64 21.54 16.61
C VAL B 279 -10.41 21.01 15.87
N LEU B 280 -9.70 20.06 16.47
CA LEU B 280 -8.49 19.53 15.84
C LEU B 280 -8.83 18.66 14.64
N SER B 281 -9.83 17.77 14.78
CA SER B 281 -10.19 16.90 13.66
CA SER B 281 -10.20 16.90 13.66
C SER B 281 -10.71 17.70 12.48
N ASP B 282 -11.36 18.85 12.72
CA ASP B 282 -11.80 19.71 11.64
C ASP B 282 -10.63 20.33 10.89
N TRP B 283 -9.46 20.42 11.54
CA TRP B 283 -8.26 20.99 10.92
C TRP B 283 -7.40 19.91 10.25
N PHE B 284 -7.27 18.75 10.87
CA PHE B 284 -6.28 17.75 10.48
C PHE B 284 -6.88 16.56 9.76
N GLY B 285 -8.20 16.42 9.74
CA GLY B 285 -8.83 15.20 9.27
C GLY B 285 -9.18 14.31 10.44
N PRO B 286 -9.72 13.13 10.16
CA PRO B 286 -10.23 12.26 11.24
C PRO B 286 -9.19 11.94 12.30
N TYR B 287 -9.65 11.84 13.53
CA TYR B 287 -8.78 11.42 14.63
C TYR B 287 -8.27 10.01 14.35
N PRO B 288 -6.96 9.77 14.47
CA PRO B 288 -6.40 8.50 13.97
C PRO B 288 -6.74 7.29 14.81
N ASP B 289 -7.17 7.45 16.05
CA ASP B 289 -7.26 6.33 16.99
C ASP B 289 -8.73 6.09 17.35
N GLU B 290 -8.94 5.06 18.17
CA GLU B 290 -10.29 4.66 18.58
C GLU B 290 -10.71 5.25 19.93
N VAL B 291 -9.75 5.72 20.73
CA VAL B 291 -10.03 6.23 22.07
C VAL B 291 -9.07 7.37 22.33
N TYR B 292 -9.49 8.31 23.19
CA TYR B 292 -8.55 9.29 23.71
C TYR B 292 -8.84 9.58 25.16
N GLY B 293 -7.77 9.86 25.89
CA GLY B 293 -7.87 10.31 27.26
C GLY B 293 -6.48 10.63 27.77
N VAL B 294 -6.42 11.00 29.05
CA VAL B 294 -5.16 11.25 29.71
C VAL B 294 -5.00 10.25 30.85
N ALA B 295 -3.76 9.99 31.21
CA ALA B 295 -3.42 9.23 32.41
C ALA B 295 -2.72 10.19 33.36
N LEU B 296 -3.47 10.73 34.32
CA LEU B 296 -2.94 11.73 35.24
C LEU B 296 -2.09 11.05 36.31
N LEU B 297 -0.83 11.49 36.43
CA LEU B 297 0.11 10.90 37.35
C LEU B 297 0.55 11.94 38.40
N PRO B 298 0.71 11.54 39.66
CA PRO B 298 1.09 12.49 40.70
C PRO B 298 2.58 12.83 40.70
N VAL B 299 3.24 12.67 39.57
CA VAL B 299 4.67 12.89 39.46
C VAL B 299 4.92 14.22 38.75
N ARG B 300 6.17 14.68 38.81
CA ARG B 300 6.55 15.98 38.25
C ARG B 300 7.41 15.74 37.02
N GLN B 301 6.77 15.84 35.85
CA GLN B 301 7.43 15.52 34.60
C GLN B 301 6.61 16.09 33.46
N LEU B 302 7.21 16.17 32.28
CA LEU B 302 6.50 16.65 31.11
C LEU B 302 5.52 15.60 30.60
N ALA B 303 4.51 16.06 29.89
CA ALA B 303 3.53 15.16 29.29
C ALA B 303 4.09 14.53 28.02
N LEU B 304 3.65 13.31 27.75
CA LEU B 304 4.06 12.58 26.56
C LEU B 304 2.83 12.03 25.87
N GLU B 305 2.78 12.19 24.55
CA GLU B 305 1.60 11.85 23.75
C GLU B 305 1.45 10.37 23.47
N THR B 306 1.53 9.53 24.50
CA THR B 306 1.32 8.10 24.28
C THR B 306 -0.04 7.86 23.61
N ALA B 307 -0.07 6.87 22.71
CA ALA B 307 -1.17 6.73 21.77
C ALA B 307 -2.50 6.52 22.47
N GLY B 308 -3.48 7.36 22.15
CA GLY B 308 -4.82 7.24 22.70
C GLY B 308 -4.93 7.48 24.18
N LEU B 309 -3.80 7.55 24.91
CA LEU B 309 -3.79 7.71 26.36
C LEU B 309 -2.52 8.49 26.71
N THR B 310 -2.65 9.81 26.77
CA THR B 310 -1.49 10.65 27.02
C THR B 310 -1.01 10.49 28.46
N THR B 311 0.28 10.21 28.62
CA THR B 311 0.90 10.20 29.94
C THR B 311 1.04 11.63 30.45
N MET B 312 0.25 11.98 31.46
CA MET B 312 0.09 13.38 31.89
C MET B 312 0.45 13.49 33.37
N PRO B 313 1.73 13.70 33.69
CA PRO B 313 2.08 14.09 35.06
C PRO B 313 1.32 15.35 35.46
N ALA B 314 0.94 15.41 36.73
CA ALA B 314 0.02 16.46 37.18
C ALA B 314 0.61 17.86 37.03
N THR B 315 1.93 18.00 37.07
CA THR B 315 2.52 19.33 36.94
C THR B 315 2.39 19.89 35.53
N SER B 316 2.16 19.04 34.53
CA SER B 316 1.98 19.47 33.16
C SER B 316 0.52 19.59 32.77
N ASN B 317 -0.41 19.32 33.68
CA ASN B 317 -1.83 19.18 33.33
C ASN B 317 -2.46 20.57 33.22
N ARG B 318 -2.25 21.19 32.04
CA ARG B 318 -2.88 22.45 31.70
C ARG B 318 -3.63 22.28 30.38
N GLU B 319 -4.57 23.20 30.13
CA GLU B 319 -5.40 23.11 28.93
C GLU B 319 -4.55 23.05 27.66
N ARG B 320 -3.50 23.88 27.60
CA ARG B 320 -2.71 23.96 26.38
C ARG B 320 -1.85 22.72 26.18
N VAL B 321 -1.46 22.07 27.27
CA VAL B 321 -0.73 20.81 27.17
C VAL B 321 -1.65 19.67 26.76
N ARG B 322 -2.89 19.66 27.28
CA ARG B 322 -3.85 18.66 26.88
C ARG B 322 -4.18 18.76 25.40
N LEU B 323 -4.26 20.00 24.89
CA LEU B 323 -4.41 20.21 23.45
C LEU B 323 -3.16 19.73 22.72
N HIS B 324 -2.00 20.20 23.16
CA HIS B 324 -0.71 19.83 22.57
C HIS B 324 -0.59 18.32 22.40
N ALA B 325 -0.75 17.57 23.50
CA ALA B 325 -0.62 16.13 23.46
C ALA B 325 -1.63 15.49 22.52
N LEU B 326 -2.87 16.01 22.50
CA LEU B 326 -3.87 15.47 21.60
C LEU B 326 -3.51 15.72 20.14
N ALA B 327 -3.03 16.93 19.83
CA ALA B 327 -2.58 17.22 18.47
C ALA B 327 -1.50 16.26 18.02
N HIS B 328 -0.64 15.84 18.95
CA HIS B 328 0.45 14.92 18.62
C HIS B 328 -0.06 13.56 18.17
N GLN B 329 -1.27 13.17 18.58
CA GLN B 329 -1.86 11.93 18.08
C GLN B 329 -1.88 11.91 16.55
N TRP B 330 -2.07 13.07 15.92
CA TRP B 330 -1.87 13.19 14.48
C TRP B 330 -0.40 13.34 14.15
N PHE B 331 0.22 14.41 14.65
CA PHE B 331 1.58 14.80 14.26
C PHE B 331 2.56 14.21 15.26
N GLY B 332 3.03 13.00 14.98
CA GLY B 332 3.95 12.31 15.85
C GLY B 332 3.60 10.85 15.98
N ASP B 333 2.32 10.57 16.23
CA ASP B 333 1.86 9.18 16.41
C ASP B 333 1.34 8.59 15.12
N GLN B 334 0.56 9.34 14.36
CA GLN B 334 0.12 8.90 13.04
C GLN B 334 1.15 9.24 11.98
N VAL B 335 1.44 10.53 11.81
CA VAL B 335 2.51 10.98 10.94
C VAL B 335 3.80 10.94 11.77
N THR B 336 4.67 9.99 11.46
CA THR B 336 5.86 9.74 12.26
C THR B 336 7.12 10.23 11.55
N LEU B 337 8.17 10.43 12.33
CA LEU B 337 9.40 11.01 11.82
C LEU B 337 10.26 9.98 11.11
N ALA B 338 10.82 10.38 9.96
CA ALA B 338 11.82 9.56 9.29
C ALA B 338 13.18 9.68 9.97
N ASP B 339 13.44 10.78 10.67
CA ASP B 339 14.73 11.06 11.26
C ASP B 339 14.53 12.03 12.42
N TRP B 340 15.20 11.74 13.55
CA TRP B 340 15.01 12.54 14.74
C TRP B 340 15.46 14.00 14.57
N ALA B 341 16.16 14.31 13.50
CA ALA B 341 16.52 15.70 13.22
C ALA B 341 15.31 16.56 12.89
N ASP B 342 14.20 15.95 12.47
CA ASP B 342 13.02 16.67 12.02
C ASP B 342 11.94 16.75 13.10
N THR B 343 12.34 16.79 14.37
CA THR B 343 11.38 16.83 15.47
C THR B 343 10.38 17.97 15.32
N TRP B 344 10.77 19.06 14.67
CA TRP B 344 9.88 20.20 14.52
C TRP B 344 8.63 19.85 13.72
N LEU B 345 8.68 18.80 12.90
CA LEU B 345 7.47 18.34 12.22
C LEU B 345 6.44 17.82 13.20
N SER B 346 6.87 17.32 14.36
CA SER B 346 5.96 16.95 15.43
C SER B 346 5.73 18.12 16.37
N GLU B 347 6.81 18.68 16.93
CA GLU B 347 6.67 19.66 18.01
C GLU B 347 6.14 20.99 17.50
N GLY B 348 6.59 21.42 16.31
CA GLY B 348 6.07 22.65 15.75
C GLY B 348 4.60 22.55 15.38
N PHE B 349 4.20 21.41 14.82
CA PHE B 349 2.80 21.22 14.45
C PHE B 349 1.92 21.10 15.68
N ALA B 350 2.38 20.36 16.70
CA ALA B 350 1.62 20.28 17.95
C ALA B 350 1.51 21.64 18.61
N THR B 351 2.55 22.46 18.49
CA THR B 351 2.51 23.80 19.07
C THR B 351 1.56 24.71 18.31
N TYR B 352 1.57 24.64 16.97
CA TYR B 352 0.68 25.49 16.19
C TYR B 352 -0.78 25.14 16.43
N ALA B 353 -1.06 23.87 16.72
CA ALA B 353 -2.43 23.48 17.08
C ALA B 353 -2.91 24.25 18.30
N GLU B 354 -1.99 24.61 19.21
CA GLU B 354 -2.38 25.41 20.37
C GLU B 354 -2.94 26.76 19.94
N LEU B 355 -2.38 27.35 18.89
CA LEU B 355 -2.89 28.62 18.39
C LEU B 355 -4.20 28.43 17.64
N LEU B 356 -4.32 27.33 16.90
CA LEU B 356 -5.59 27.02 16.24
C LEU B 356 -6.68 26.79 17.28
N TRP B 357 -6.36 26.13 18.38
CA TRP B 357 -7.32 25.93 19.45
C TRP B 357 -7.68 27.25 20.12
N ALA B 358 -6.69 28.12 20.34
CA ALA B 358 -6.94 29.41 20.97
C ALA B 358 -7.89 30.24 20.12
N GLU B 359 -7.64 30.32 18.81
CA GLU B 359 -8.54 31.04 17.93
C GLU B 359 -9.96 30.46 17.97
N SER B 360 -10.07 29.13 17.95
CA SER B 360 -11.37 28.49 18.05
C SER B 360 -12.12 28.89 19.31
N GLN B 361 -11.39 29.20 20.39
CA GLN B 361 -11.98 29.65 21.63
C GLN B 361 -12.10 31.17 21.72
N GLY B 362 -12.01 31.86 20.58
CA GLY B 362 -12.21 33.29 20.55
C GLY B 362 -10.99 34.14 20.87
N GLU B 363 -9.83 33.54 21.09
CA GLU B 363 -8.64 34.29 21.45
C GLU B 363 -7.93 34.81 20.19
N ASP B 364 -6.94 35.67 20.43
CA ASP B 364 -6.19 36.32 19.36
C ASP B 364 -5.01 35.44 18.97
N GLY B 365 -5.03 34.92 17.74
CA GLY B 365 -3.95 34.06 17.29
C GLY B 365 -2.64 34.80 17.06
N GLN B 366 -2.71 35.97 16.43
CA GLN B 366 -1.49 36.71 16.13
C GLN B 366 -0.74 37.08 17.42
N ALA B 367 -1.48 37.39 18.48
CA ALA B 367 -0.84 37.70 19.76
C ALA B 367 -0.07 36.50 20.29
N MET B 368 -0.61 35.28 20.12
CA MET B 368 0.12 34.09 20.53
C MET B 368 1.36 33.88 19.68
N ALA B 369 1.25 34.12 18.38
CA ALA B 369 2.42 34.06 17.50
C ALA B 369 3.49 35.06 17.94
N ALA B 370 3.08 36.27 18.30
CA ALA B 370 4.04 37.29 18.72
C ALA B 370 4.79 36.88 19.98
N ASP B 371 4.17 36.08 20.84
CA ASP B 371 4.87 35.57 22.01
C ASP B 371 5.91 34.53 21.61
N TRP B 372 5.58 33.65 20.66
CA TRP B 372 6.57 32.74 20.10
C TRP B 372 7.79 33.50 19.59
N TYR B 373 7.55 34.57 18.83
CA TYR B 373 8.66 35.33 18.27
C TYR B 373 9.44 36.05 19.36
N ALA B 374 8.73 36.62 20.34
CA ALA B 374 9.39 37.28 21.45
C ALA B 374 10.30 36.32 22.22
N ARG B 375 9.98 35.02 22.19
CA ARG B 375 10.83 34.04 22.87
C ARG B 375 11.99 33.57 22.02
N LEU B 376 11.85 33.62 20.69
CA LEU B 376 12.96 33.31 19.80
C LEU B 376 13.85 34.52 19.54
N SER B 377 13.30 35.73 19.68
CA SER B 377 14.05 36.94 19.38
C SER B 377 15.29 37.11 20.25
N VAL B 378 15.33 36.47 21.42
CA VAL B 378 16.46 36.59 22.33
C VAL B 378 17.27 35.30 22.38
N LEU B 379 16.96 34.33 21.54
CA LEU B 379 17.74 33.11 21.52
C LEU B 379 18.52 33.02 20.21
N PRO B 380 19.65 32.33 20.22
CA PRO B 380 20.30 31.99 18.95
C PRO B 380 19.33 31.22 18.07
N SER B 381 19.49 31.37 16.76
CA SER B 381 18.59 30.68 15.85
C SER B 381 19.36 29.66 15.02
N ARG B 382 18.61 28.76 14.40
CA ARG B 382 19.16 27.63 13.70
C ARG B 382 18.16 27.19 12.64
N PRO B 383 18.61 26.47 11.61
CA PRO B 383 17.67 25.81 10.71
C PRO B 383 16.79 24.83 11.48
N LEU B 384 15.66 24.49 10.87
CA LEU B 384 14.69 23.64 11.56
C LEU B 384 15.19 22.21 11.68
N ARG B 385 15.97 21.75 10.71
CA ARG B 385 16.59 20.43 10.79
C ARG B 385 17.68 20.46 11.87
N ALA B 386 17.48 19.69 12.94
CA ALA B 386 18.44 19.68 14.03
C ALA B 386 19.71 18.94 13.61
N THR B 387 20.84 19.37 14.18
CA THR B 387 22.12 18.73 13.92
C THR B 387 22.72 18.04 15.14
N ARG B 388 22.13 18.23 16.32
CA ARG B 388 22.65 17.62 17.53
C ARG B 388 21.48 17.29 18.45
N GLU B 389 21.74 16.36 19.37
CA GLU B 389 20.70 15.85 20.25
C GLU B 389 20.17 16.94 21.18
N GLU B 390 21.00 17.91 21.54
CA GLU B 390 20.57 18.99 22.42
C GLU B 390 19.48 19.86 21.77
N GLU B 391 19.44 19.89 20.44
CA GLU B 391 18.54 20.78 19.72
C GLU B 391 17.17 20.20 19.42
N ILE B 392 17.01 18.87 19.45
CA ILE B 392 15.80 18.27 18.89
C ILE B 392 14.54 18.64 19.67
N PHE B 393 14.68 19.06 20.94
CA PHE B 393 13.53 19.53 21.71
C PHE B 393 13.76 20.93 22.24
N ASP B 394 14.47 21.78 21.48
CA ASP B 394 14.76 23.13 21.96
C ASP B 394 13.68 24.10 21.50
N ALA B 395 13.86 25.38 21.82
CA ALA B 395 12.84 26.38 21.55
C ALA B 395 12.56 26.51 20.05
N SER B 396 13.58 26.30 19.21
CA SER B 396 13.36 26.38 17.77
C SER B 396 12.42 25.28 17.30
N ALA B 397 12.60 24.05 17.81
CA ALA B 397 11.76 22.94 17.37
C ALA B 397 10.28 23.20 17.64
N TYR B 398 9.97 23.91 18.73
CA TYR B 398 8.60 24.23 19.08
C TYR B 398 8.13 25.50 18.36
N PHE B 399 8.83 26.62 18.60
CA PHE B 399 8.32 27.93 18.22
C PHE B 399 8.77 28.36 16.83
N ARG B 400 9.98 27.99 16.40
CA ARG B 400 10.35 28.30 15.01
C ARG B 400 9.58 27.45 14.03
N GLY B 401 9.25 26.21 14.40
CA GLY B 401 8.39 25.40 13.56
C GLY B 401 6.97 25.91 13.52
N ALA B 402 6.44 26.31 14.68
CA ALA B 402 5.09 26.89 14.72
C ALA B 402 5.01 28.16 13.89
N LEU B 403 5.98 29.07 14.06
CA LEU B 403 6.01 30.30 13.28
C LEU B 403 6.22 30.01 11.80
N ALA B 404 6.94 28.92 11.47
CA ALA B 404 7.05 28.49 10.09
C ALA B 404 5.67 28.18 9.50
N LEU B 405 4.87 27.42 10.24
CA LEU B 405 3.51 27.15 9.80
C LEU B 405 2.67 28.42 9.76
N HIS B 406 2.93 29.37 10.66
CA HIS B 406 2.21 30.62 10.65
C HIS B 406 2.52 31.43 9.39
N ALA B 407 3.78 31.45 8.97
CA ALA B 407 4.15 32.14 7.73
C ALA B 407 3.45 31.52 6.54
N LEU B 408 3.39 30.18 6.49
CA LEU B 408 2.72 29.51 5.38
C LEU B 408 1.23 29.81 5.38
N ARG B 409 0.59 29.72 6.56
CA ARG B 409 -0.85 29.96 6.64
C ARG B 409 -1.21 31.37 6.17
N LEU B 410 -0.45 32.37 6.61
CA LEU B 410 -0.76 33.75 6.26
C LEU B 410 -0.46 34.05 4.80
N LYS B 411 0.35 33.22 4.14
CA LYS B 411 0.64 33.43 2.72
C LYS B 411 -0.48 32.90 1.83
N VAL B 412 -1.09 31.77 2.20
CA VAL B 412 -2.02 31.07 1.33
C VAL B 412 -3.48 31.18 1.78
N GLY B 413 -3.73 31.64 3.01
CA GLY B 413 -5.09 31.76 3.48
C GLY B 413 -5.57 30.55 4.24
N ASP B 414 -6.56 30.79 5.10
CA ASP B 414 -7.05 29.74 6.00
C ASP B 414 -7.64 28.55 5.24
N ALA B 415 -8.28 28.81 4.10
CA ALA B 415 -8.85 27.72 3.31
C ALA B 415 -7.76 26.83 2.74
N ALA B 416 -6.80 27.42 2.04
CA ALA B 416 -5.67 26.64 1.50
C ALA B 416 -4.88 25.97 2.62
N PHE B 417 -4.66 26.68 3.73
CA PHE B 417 -3.87 26.14 4.83
C PHE B 417 -4.55 24.94 5.47
N GLY B 418 -5.86 25.04 5.72
CA GLY B 418 -6.58 23.92 6.29
C GLY B 418 -6.64 22.71 5.36
N GLN B 419 -6.73 22.95 4.06
CA GLN B 419 -6.74 21.83 3.11
C GLN B 419 -5.36 21.20 3.00
N PHE B 420 -4.29 21.96 3.25
CA PHE B 420 -2.96 21.38 3.22
C PHE B 420 -2.71 20.50 4.43
N LEU B 421 -3.23 20.88 5.60
CA LEU B 421 -3.07 20.04 6.77
C LEU B 421 -3.78 18.71 6.59
N HIS B 422 -4.99 18.73 6.01
CA HIS B 422 -5.65 17.49 5.63
C HIS B 422 -4.78 16.70 4.66
N SER B 423 -4.31 17.37 3.60
CA SER B 423 -3.44 16.71 2.62
C SER B 423 -2.16 16.18 3.25
N TYR B 424 -1.53 17.00 4.11
CA TYR B 424 -0.29 16.60 4.76
C TYR B 424 -0.45 15.31 5.56
N VAL B 425 -1.48 15.26 6.42
CA VAL B 425 -1.74 14.06 7.22
C VAL B 425 -1.97 12.86 6.30
N LYS B 426 -2.73 13.05 5.22
CA LYS B 426 -2.99 11.96 4.28
C LYS B 426 -1.73 11.54 3.55
N THR B 427 -0.89 12.51 3.15
CA THR B 427 0.31 12.18 2.40
C THR B 427 1.28 11.33 3.22
N PHE B 428 1.30 11.52 4.54
CA PHE B 428 2.30 10.90 5.39
C PHE B 428 1.68 9.94 6.40
N THR B 429 0.53 9.37 6.05
CA THR B 429 0.00 8.20 6.75
C THR B 429 0.56 6.95 6.08
N GLY B 430 1.30 6.16 6.84
CA GLY B 430 1.97 5.00 6.28
C GLY B 430 3.34 5.29 5.72
N ARG B 431 3.83 6.51 5.85
CA ARG B 431 5.10 6.94 5.30
C ARG B 431 5.72 7.99 6.20
N PRO B 432 6.88 7.72 6.79
CA PRO B 432 7.52 8.71 7.67
C PRO B 432 7.81 10.01 6.93
N VAL B 433 7.61 11.12 7.62
CA VAL B 433 7.74 12.44 7.03
C VAL B 433 9.14 12.98 7.29
N SER B 434 9.60 13.82 6.37
CA SER B 434 10.87 14.52 6.49
C SER B 434 10.64 15.96 6.09
N THR B 435 11.59 16.82 6.46
CA THR B 435 11.49 18.23 6.07
C THR B 435 11.51 18.38 4.55
N THR B 436 12.40 17.65 3.88
CA THR B 436 12.43 17.67 2.41
C THR B 436 11.07 17.31 1.84
N ALA B 437 10.43 16.25 2.36
CA ALA B 437 9.13 15.84 1.86
C ALA B 437 8.06 16.90 2.10
N LEU B 438 8.16 17.65 3.19
CA LEU B 438 7.20 18.72 3.44
C LEU B 438 7.31 19.82 2.40
N LEU B 439 8.53 20.33 2.17
CA LEU B 439 8.74 21.38 1.19
C LEU B 439 8.27 20.96 -0.21
N THR B 440 8.57 19.72 -0.60
CA THR B 440 8.13 19.23 -1.90
C THR B 440 6.61 19.21 -1.99
N LEU B 441 5.95 18.78 -0.91
CA LEU B 441 4.48 18.78 -0.90
C LEU B 441 3.92 20.19 -0.95
N VAL B 442 4.59 21.14 -0.31
CA VAL B 442 4.13 22.54 -0.33
C VAL B 442 4.25 23.11 -1.74
N LYS B 443 5.40 22.91 -2.38
CA LYS B 443 5.58 23.35 -3.77
C LYS B 443 4.53 22.73 -4.66
N THR B 444 4.37 21.41 -4.56
CA THR B 444 3.33 20.68 -5.27
C THR B 444 1.94 21.31 -5.09
N GLN B 445 1.48 21.40 -3.85
CA GLN B 445 0.09 21.76 -3.59
C GLN B 445 -0.15 23.27 -3.64
N LEU B 446 0.69 24.05 -2.95
CA LEU B 446 0.44 25.47 -2.81
C LEU B 446 1.19 26.34 -3.81
N GLY B 447 2.32 25.87 -4.31
CA GLY B 447 3.09 26.62 -5.28
C GLY B 447 4.45 27.02 -4.74
N ALA B 448 5.28 27.50 -5.66
CA ALA B 448 6.66 27.83 -5.30
C ALA B 448 6.72 29.00 -4.33
N GLU B 449 5.81 29.97 -4.45
CA GLU B 449 5.83 31.11 -3.55
C GLU B 449 5.60 30.68 -2.11
N ALA B 450 4.66 29.76 -1.90
CA ALA B 450 4.45 29.21 -0.56
C ALA B 450 5.66 28.38 -0.12
N GLU B 451 6.26 27.63 -1.05
CA GLU B 451 7.43 26.83 -0.71
C GLU B 451 8.59 27.71 -0.27
N GLN B 452 8.85 28.78 -1.00
CA GLN B 452 9.95 29.68 -0.62
C GLN B 452 9.68 30.35 0.72
N THR B 453 8.41 30.63 1.02
CA THR B 453 8.07 31.18 2.33
C THR B 453 8.45 30.23 3.45
N LEU B 454 8.14 28.94 3.28
CA LEU B 454 8.49 27.96 4.30
C LEU B 454 10.00 27.73 4.35
N ARG B 455 10.66 27.79 3.20
CA ARG B 455 12.08 27.46 3.13
C ARG B 455 12.92 28.44 3.94
N VAL B 456 12.57 29.73 3.89
CA VAL B 456 13.22 30.73 4.74
C VAL B 456 13.17 30.32 6.21
N TRP B 457 12.03 29.80 6.66
CA TRP B 457 11.94 29.36 8.04
C TRP B 457 12.65 28.03 8.26
N VAL B 458 12.55 27.12 7.29
CA VAL B 458 13.22 25.83 7.41
C VAL B 458 14.73 26.00 7.34
N GLU B 459 15.22 26.53 6.23
CA GLU B 459 16.65 26.70 6.04
C GLU B 459 17.09 28.07 6.55
N GLY B 460 18.40 28.27 6.62
CA GLY B 460 18.90 29.56 7.04
C GLY B 460 18.91 29.70 8.55
N ARG B 461 20.08 29.98 9.11
CA ARG B 461 20.18 30.15 10.56
C ARG B 461 19.48 31.42 11.03
N THR B 462 19.30 32.39 10.13
CA THR B 462 18.67 33.65 10.50
C THR B 462 17.21 33.47 10.86
N LEU B 463 16.77 34.18 11.88
CA LEU B 463 15.36 34.20 12.24
C LEU B 463 14.63 35.22 11.38
N PRO B 464 13.66 34.82 10.57
CA PRO B 464 12.95 35.78 9.72
C PRO B 464 12.07 36.69 10.54
N PRO B 465 11.59 37.80 9.96
CA PRO B 465 10.66 38.66 10.69
C PRO B 465 9.38 37.92 11.06
N LEU B 466 8.68 38.45 12.06
CA LEU B 466 7.47 37.82 12.56
C LEU B 466 6.41 37.80 11.47
N PRO B 467 5.82 36.64 11.17
CA PRO B 467 4.76 36.59 10.13
C PRO B 467 3.53 37.36 10.58
N GLU B 468 3.13 38.33 9.77
CA GLU B 468 2.04 39.23 10.09
C GLU B 468 1.07 39.32 8.91
N PRO B 469 -0.20 39.58 9.19
CA PRO B 469 -1.19 39.67 8.11
C PRO B 469 -0.78 40.66 7.03
N VAL B 470 -0.98 40.26 5.78
CA VAL B 470 -0.63 41.09 4.62
C VAL B 470 -1.36 42.43 4.65
#